data_5NBW
#
_entry.id   5NBW
#
_cell.length_a   58.150
_cell.length_b   81.000
_cell.length_c   186.160
_cell.angle_alpha   90.00
_cell.angle_beta   90.00
_cell.angle_gamma   90.00
#
_symmetry.space_group_name_H-M   'P 21 21 21'
#
loop_
_entity.id
_entity.type
_entity.pdbx_description
1 polymer 'Fab 22F12 (L,H)'
2 polymer 'Fab 22F12 (A,B)'
3 non-polymer benzo[a]pyren-3-ol
4 water water
#
loop_
_entity_poly.entity_id
_entity_poly.type
_entity_poly.pdbx_seq_one_letter_code
_entity_poly.pdbx_strand_id
1 'polypeptide(L)'
;DIELTQSPSSMYASLGERVTITCKASQDINSYLNWFQQKPGKSPKTLIYHTNRLVDGVPSRFSGSGSGQDYSLIISSLEF
EDMGIYYCLQYDEFPYTFGGGTKLELKRADAAPTVSIFPPSSEQLTSGGASVVCFLNNFYPKDINVKWKIDGSERQNGVL
NSWTDQDSKDSTYSMSSTLTLTKDEYERHNSYTCEATHKTSTSPIVKSFNRNEC
;
L,A
2 'polypeptide(L)'
;EVKLHQSGAELVNPGASVKISCKAPGYTFNNYWIEWVKQRPGHGLEWIGEILPGSGRINYNEKFKDKATFTADTSSNTAY
MQLSSLTSDDSAVYYCAKKYGDYWGQGTTVTVSSAKTTPPSVYPLAPGSAAQTNSMVTLGCLVKGYFPEPVTVTWNSGSL
SSGVHTFPAVLQSDLYTLSSSVTVPSSTWPSETVTCNVAHPASSTKVDKKIVPRDCHHHHHH
;
H,B
#
loop_
_chem_comp.id
_chem_comp.type
_chem_comp.name
_chem_comp.formula
8SK non-polymer benzo[a]pyren-3-ol 'C20 H12 O'
#
# COMPACT_ATOMS: atom_id res chain seq x y z
N ASP A 1 -10.97 15.56 -22.53
CA ASP A 1 -12.13 15.00 -21.75
C ASP A 1 -12.74 16.06 -20.89
N ILE A 2 -14.03 15.98 -20.71
CA ILE A 2 -14.70 16.82 -19.77
C ILE A 2 -14.52 16.18 -18.38
N GLU A 3 -14.07 16.97 -17.44
CA GLU A 3 -13.84 16.53 -16.10
C GLU A 3 -15.07 16.84 -15.26
N LEU A 4 -15.54 15.85 -14.52
CA LEU A 4 -16.62 16.07 -13.54
C LEU A 4 -16.13 15.89 -12.10
N THR A 5 -16.32 16.93 -11.32
CA THR A 5 -16.02 16.95 -9.91
C THR A 5 -17.31 16.92 -9.08
N GLN A 6 -17.48 15.88 -8.30
CA GLN A 6 -18.61 15.76 -7.42
C GLN A 6 -18.28 16.26 -6.02
N SER A 7 -19.26 16.85 -5.37
CA SER A 7 -19.07 17.43 -4.04
C SER A 7 -20.33 17.17 -3.20
N PRO A 8 -20.20 16.87 -1.90
CA PRO A 8 -18.96 16.44 -1.28
C PRO A 8 -18.63 15.04 -1.74
N SER A 9 -17.40 14.58 -1.51
CA SER A 9 -17.03 13.21 -1.91
C SER A 9 -17.62 12.15 -0.95
N SER A 10 -17.93 12.51 0.31
CA SER A 10 -18.81 11.67 1.13
C SER A 10 -19.65 12.50 2.09
N MET A 11 -20.79 11.95 2.52
CA MET A 11 -21.85 12.65 3.29
C MET A 11 -22.51 11.71 4.26
N TYR A 12 -22.94 12.26 5.39
CA TYR A 12 -23.75 11.58 6.40
C TYR A 12 -25.03 12.39 6.54
N ALA A 13 -26.16 11.71 6.63
CA ALA A 13 -27.43 12.38 6.82
C ALA A 13 -28.41 11.43 7.54
N SER A 14 -29.40 11.97 8.27
CA SER A 14 -30.39 11.15 8.92
C SER A 14 -31.62 10.88 8.07
N LEU A 15 -32.31 9.80 8.46
CA LEU A 15 -33.60 9.48 7.92
C LEU A 15 -34.49 10.76 7.89
N GLY A 16 -35.04 11.08 6.73
CA GLY A 16 -36.02 12.20 6.58
C GLY A 16 -35.42 13.57 6.29
N GLU A 17 -34.09 13.69 6.38
CA GLU A 17 -33.43 14.92 5.97
C GLU A 17 -33.37 15.05 4.49
N ARG A 18 -33.28 16.29 4.03
CA ARG A 18 -33.04 16.65 2.65
C ARG A 18 -31.57 16.46 2.35
N VAL A 19 -31.24 16.05 1.14
CA VAL A 19 -29.87 15.83 0.72
C VAL A 19 -29.67 16.34 -0.69
N THR A 20 -28.54 16.98 -0.89
CA THR A 20 -28.22 17.60 -2.14
C THR A 20 -26.82 17.29 -2.48
N ILE A 21 -26.57 16.65 -3.60
CA ILE A 21 -25.19 16.49 -4.05
C ILE A 21 -24.97 17.13 -5.42
N THR A 22 -23.78 17.66 -5.64
CA THR A 22 -23.49 18.47 -6.81
C THR A 22 -22.45 17.85 -7.71
N CYS A 23 -22.58 18.18 -8.97
CA CYS A 23 -21.69 17.72 -10.02
C CYS A 23 -21.33 18.96 -10.86
N LYS A 24 -20.02 19.28 -10.89
CA LYS A 24 -19.49 20.41 -11.65
C LYS A 24 -18.63 19.92 -12.85
N ALA A 25 -19.00 20.38 -14.02
CA ALA A 25 -18.27 20.08 -15.25
C ALA A 25 -17.25 21.12 -15.62
N SER A 26 -16.17 20.69 -16.26
CA SER A 26 -15.06 21.57 -16.60
C SER A 26 -15.41 22.49 -17.77
N GLN A 27 -16.49 22.18 -18.49
CA GLN A 27 -17.06 23.08 -19.52
C GLN A 27 -18.57 22.85 -19.56
N ASP A 28 -19.26 23.65 -20.37
CA ASP A 28 -20.72 23.60 -20.52
C ASP A 28 -21.13 22.25 -21.12
N ILE A 29 -22.05 21.52 -20.49
CA ILE A 29 -22.49 20.23 -21.01
C ILE A 29 -23.97 20.22 -21.42
N ASN A 30 -24.57 21.39 -21.57
CA ASN A 30 -25.88 21.53 -22.19
C ASN A 30 -26.95 20.54 -21.74
N SER A 31 -26.99 20.30 -20.44
CA SER A 31 -28.00 19.45 -19.78
C SER A 31 -27.88 17.92 -19.99
N TYR A 32 -26.81 17.48 -20.62
CA TYR A 32 -26.64 16.08 -20.90
C TYR A 32 -25.94 15.41 -19.72
N LEU A 33 -26.68 15.25 -18.65
CA LEU A 33 -26.08 14.83 -17.39
C LEU A 33 -26.96 13.78 -16.77
N ASN A 34 -26.45 12.59 -16.50
CA ASN A 34 -27.25 11.53 -15.86
C ASN A 34 -26.73 11.27 -14.47
N TRP A 35 -27.58 10.71 -13.62
CA TRP A 35 -27.19 10.29 -12.31
C TRP A 35 -27.43 8.78 -12.13
N PHE A 36 -26.46 8.08 -11.56
CA PHE A 36 -26.57 6.68 -11.18
C PHE A 36 -26.38 6.44 -9.69
N GLN A 37 -27.03 5.41 -9.16
CA GLN A 37 -26.82 4.96 -7.77
C GLN A 37 -26.14 3.59 -7.78
N GLN A 38 -25.08 3.43 -7.02
CA GLN A 38 -24.46 2.09 -6.88
C GLN A 38 -24.38 1.69 -5.43
N LYS A 39 -24.98 0.56 -5.08
CA LYS A 39 -24.86 -0.02 -3.74
C LYS A 39 -23.68 -0.97 -3.67
N PRO A 40 -23.22 -1.21 -2.43
CA PRO A 40 -22.11 -2.12 -2.19
C PRO A 40 -22.29 -3.47 -2.83
N GLY A 41 -21.30 -3.87 -3.63
CA GLY A 41 -21.33 -5.16 -4.33
C GLY A 41 -22.45 -5.40 -5.35
N LYS A 42 -23.28 -4.37 -5.64
CA LYS A 42 -24.28 -4.44 -6.72
C LYS A 42 -23.86 -3.61 -7.95
N SER A 43 -24.61 -3.79 -9.05
CA SER A 43 -24.44 -3.01 -10.26
C SER A 43 -24.97 -1.58 -10.07
N PRO A 44 -24.49 -0.63 -10.84
CA PRO A 44 -25.14 0.66 -10.86
C PRO A 44 -26.58 0.62 -11.36
N LYS A 45 -27.33 1.63 -10.95
CA LYS A 45 -28.65 1.79 -11.51
C LYS A 45 -28.95 3.24 -11.92
N THR A 46 -29.64 3.33 -13.05
CA THR A 46 -29.96 4.61 -13.64
C THR A 46 -31.12 5.18 -12.87
N LEU A 47 -30.93 6.39 -12.32
CA LEU A 47 -31.99 7.15 -11.67
C LEU A 47 -32.56 8.29 -12.56
N ILE A 48 -31.68 9.15 -13.05
CA ILE A 48 -32.09 10.41 -13.72
C ILE A 48 -31.25 10.53 -14.97
N TYR A 49 -31.92 10.83 -16.10
CA TYR A 49 -31.23 11.19 -17.32
C TYR A 49 -31.60 12.67 -17.73
N HIS A 50 -30.79 13.25 -18.59
CA HIS A 50 -31.01 14.59 -19.12
C HIS A 50 -31.37 15.60 -18.01
N THR A 51 -30.52 15.64 -17.00
CA THR A 51 -30.59 16.57 -15.88
C THR A 51 -31.63 16.29 -14.84
N ASN A 52 -32.87 16.04 -15.26
CA ASN A 52 -34.02 16.05 -14.37
C ASN A 52 -35.18 15.10 -14.71
N ARG A 53 -35.02 14.24 -15.68
CA ARG A 53 -36.02 13.24 -16.00
C ARG A 53 -35.83 11.96 -15.13
N LEU A 54 -36.87 11.50 -14.45
CA LEU A 54 -36.83 10.25 -13.72
C LEU A 54 -37.03 9.04 -14.59
N VAL A 55 -36.14 8.08 -14.45
CA VAL A 55 -36.38 6.78 -15.01
C VAL A 55 -37.59 6.15 -14.33
N ASP A 56 -38.37 5.38 -15.08
CA ASP A 56 -39.54 4.72 -14.51
C ASP A 56 -39.28 3.92 -13.25
N GLY A 57 -40.13 4.16 -12.24
CA GLY A 57 -40.04 3.41 -11.01
C GLY A 57 -39.17 4.05 -9.98
N VAL A 58 -38.36 5.07 -10.36
CA VAL A 58 -37.54 5.78 -9.43
C VAL A 58 -38.46 6.61 -8.54
N PRO A 59 -38.29 6.51 -7.24
CA PRO A 59 -39.22 7.17 -6.30
C PRO A 59 -39.21 8.67 -6.40
N SER A 60 -40.37 9.26 -6.13
CA SER A 60 -40.59 10.67 -6.33
C SER A 60 -39.71 11.63 -5.52
N ARG A 61 -39.12 11.15 -4.43
CA ARG A 61 -38.26 11.96 -3.58
C ARG A 61 -36.98 12.40 -4.29
N PHE A 62 -36.65 11.75 -5.39
CA PHE A 62 -35.53 12.13 -6.23
C PHE A 62 -35.94 13.26 -7.20
N SER A 63 -35.04 14.19 -7.45
CA SER A 63 -35.19 15.11 -8.58
C SER A 63 -33.80 15.55 -8.96
N GLY A 64 -33.69 16.19 -10.11
CA GLY A 64 -32.38 16.73 -10.55
C GLY A 64 -32.55 18.14 -11.12
N SER A 65 -31.47 18.87 -11.15
CA SER A 65 -31.56 20.24 -11.66
C SER A 65 -30.21 20.67 -12.13
N GLY A 66 -30.16 21.80 -12.83
CA GLY A 66 -28.88 22.41 -13.21
C GLY A 66 -28.87 22.80 -14.68
N SER A 67 -27.78 23.48 -15.07
CA SER A 67 -27.55 23.83 -16.47
C SER A 67 -26.12 24.29 -16.60
N GLY A 68 -25.68 24.48 -17.85
CA GLY A 68 -24.29 24.91 -18.09
C GLY A 68 -23.32 23.89 -17.54
N GLN A 69 -22.63 24.24 -16.47
CA GLN A 69 -21.62 23.41 -15.79
C GLN A 69 -22.04 22.85 -14.41
N ASP A 70 -23.17 23.30 -13.86
CA ASP A 70 -23.52 23.08 -12.46
C ASP A 70 -24.81 22.29 -12.29
N TYR A 71 -24.70 21.05 -11.79
CA TYR A 71 -25.85 20.15 -11.69
C TYR A 71 -26.00 19.66 -10.25
N SER A 72 -27.21 19.30 -9.87
CA SER A 72 -27.49 18.77 -8.55
C SER A 72 -28.42 17.63 -8.64
N LEU A 73 -28.29 16.71 -7.72
CA LEU A 73 -29.28 15.69 -7.46
C LEU A 73 -29.76 15.89 -6.02
N ILE A 74 -31.07 15.80 -5.83
CA ILE A 74 -31.70 16.16 -4.59
C ILE A 74 -32.54 15.02 -4.14
N ILE A 75 -32.40 14.65 -2.87
CA ILE A 75 -33.36 13.78 -2.26
C ILE A 75 -34.14 14.52 -1.19
N SER A 76 -35.47 14.58 -1.35
CA SER A 76 -36.29 15.51 -0.56
C SER A 76 -36.50 15.04 0.87
N SER A 77 -36.51 13.72 1.09
CA SER A 77 -36.68 13.08 2.40
C SER A 77 -35.92 11.74 2.33
N LEU A 78 -34.77 11.66 2.99
CA LEU A 78 -33.88 10.49 2.88
C LEU A 78 -34.50 9.19 3.43
N GLU A 79 -34.35 8.10 2.70
CA GLU A 79 -34.75 6.79 3.16
C GLU A 79 -33.49 5.95 3.34
N PHE A 80 -33.56 4.97 4.26
CA PHE A 80 -32.50 3.93 4.45
C PHE A 80 -32.05 3.30 3.13
N GLU A 81 -32.95 2.88 2.26
CA GLU A 81 -32.49 2.33 0.95
C GLU A 81 -31.74 3.33 -0.01
N ASP A 82 -31.55 4.58 0.37
CA ASP A 82 -30.80 5.53 -0.47
C ASP A 82 -29.30 5.54 -0.20
N MET A 83 -28.83 4.70 0.72
CA MET A 83 -27.40 4.59 1.01
C MET A 83 -26.71 4.05 -0.24
N GLY A 84 -25.52 4.55 -0.49
CA GLY A 84 -24.72 4.04 -1.58
C GLY A 84 -23.84 5.13 -2.13
N ILE A 85 -23.28 4.86 -3.32
CA ILE A 85 -22.50 5.83 -4.01
C ILE A 85 -23.22 6.37 -5.25
N TYR A 86 -23.17 7.68 -5.42
CA TYR A 86 -23.87 8.37 -6.50
C TYR A 86 -22.88 8.92 -7.50
N TYR A 87 -23.13 8.60 -8.77
CA TYR A 87 -22.29 9.04 -9.87
C TYR A 87 -23.07 9.87 -10.90
N CYS A 88 -22.47 11.00 -11.29
CA CYS A 88 -22.92 11.72 -12.45
C CYS A 88 -22.16 11.27 -13.69
N LEU A 89 -22.79 11.46 -14.84
CA LEU A 89 -22.19 11.15 -16.14
C LEU A 89 -22.61 12.19 -17.13
N GLN A 90 -21.67 12.73 -17.89
CA GLN A 90 -22.01 13.59 -19.00
C GLN A 90 -21.90 12.84 -20.27
N TYR A 91 -22.82 13.16 -21.17
CA TYR A 91 -22.87 12.65 -22.56
C TYR A 91 -23.03 13.75 -23.60
N ASP A 92 -22.45 14.91 -23.34
CA ASP A 92 -22.37 16.00 -24.31
C ASP A 92 -21.28 15.79 -25.35
N GLU A 93 -20.11 15.31 -24.94
CA GLU A 93 -19.04 15.01 -25.87
C GLU A 93 -18.38 13.62 -25.58
N PHE A 94 -17.89 12.95 -26.62
CA PHE A 94 -17.06 11.78 -26.40
C PHE A 94 -15.72 12.25 -25.89
N PRO A 95 -15.04 11.50 -25.04
CA PRO A 95 -15.60 10.31 -24.38
C PRO A 95 -16.55 10.73 -23.27
N TYR A 96 -17.63 9.99 -23.07
CA TYR A 96 -18.50 10.22 -21.91
C TYR A 96 -17.67 9.99 -20.65
N THR A 97 -18.01 10.72 -19.60
CA THR A 97 -17.22 10.74 -18.41
C THR A 97 -18.02 10.78 -17.16
N PHE A 98 -17.51 10.13 -16.12
CA PHE A 98 -18.21 10.08 -14.82
C PHE A 98 -17.52 10.98 -13.83
N GLY A 99 -18.26 11.50 -12.86
CA GLY A 99 -17.66 12.10 -11.70
C GLY A 99 -17.03 11.04 -10.83
N GLY A 100 -16.32 11.48 -9.80
CA GLY A 100 -15.65 10.58 -8.88
C GLY A 100 -16.56 9.92 -7.87
N GLY A 101 -17.81 10.32 -7.83
CA GLY A 101 -18.79 9.71 -6.94
C GLY A 101 -18.92 10.44 -5.61
N THR A 102 -20.11 10.34 -5.03
CA THR A 102 -20.44 10.82 -3.71
C THR A 102 -21.05 9.66 -2.91
N LYS A 103 -20.39 9.33 -1.81
CA LYS A 103 -20.86 8.28 -0.90
C LYS A 103 -21.84 8.90 0.14
N LEU A 104 -22.99 8.27 0.23
CA LEU A 104 -24.03 8.71 1.12
C LEU A 104 -24.28 7.62 2.16
N GLU A 105 -24.05 7.96 3.42
CA GLU A 105 -24.14 7.07 4.50
C GLU A 105 -25.15 7.60 5.48
N LEU A 106 -25.92 6.66 5.96
CA LEU A 106 -27.04 6.91 6.84
C LEU A 106 -26.67 7.02 8.31
N LYS A 107 -27.12 8.08 8.99
CA LYS A 107 -26.93 8.21 10.43
C LYS A 107 -27.86 7.32 11.19
N ARG A 108 -27.37 6.91 12.35
CA ARG A 108 -28.17 6.15 13.25
C ARG A 108 -27.59 6.28 14.62
N ALA A 109 -28.26 5.66 15.58
CA ALA A 109 -27.78 5.66 16.98
C ALA A 109 -26.45 4.97 17.07
N ASP A 110 -25.59 5.47 17.97
CA ASP A 110 -24.32 4.82 18.28
C ASP A 110 -24.59 3.41 18.84
N ALA A 111 -23.68 2.50 18.48
CA ALA A 111 -23.75 1.12 18.91
C ALA A 111 -22.36 0.49 19.01
N ALA A 112 -22.09 -0.13 20.16
CA ALA A 112 -20.86 -0.81 20.45
C ALA A 112 -20.85 -2.12 19.62
N PRO A 113 -19.68 -2.57 19.27
CA PRO A 113 -19.59 -3.84 18.59
C PRO A 113 -19.82 -5.04 19.54
N THR A 114 -20.35 -6.11 18.97
CA THR A 114 -20.42 -7.40 19.63
C THR A 114 -19.17 -8.09 19.14
N VAL A 115 -18.28 -8.38 20.09
CA VAL A 115 -16.93 -8.89 19.78
C VAL A 115 -16.86 -10.38 20.14
N SER A 116 -16.45 -11.22 19.17
CA SER A 116 -16.20 -12.66 19.43
C SER A 116 -14.79 -13.03 18.95
N ILE A 117 -14.10 -13.78 19.80
CA ILE A 117 -12.79 -14.33 19.49
C ILE A 117 -12.90 -15.84 19.31
N PHE A 118 -12.20 -16.38 18.35
CA PHE A 118 -12.13 -17.82 18.06
C PHE A 118 -10.69 -18.30 17.92
N PRO A 119 -10.30 -19.32 18.71
CA PRO A 119 -9.01 -19.95 18.54
C PRO A 119 -8.94 -20.59 17.20
N PRO A 120 -7.78 -20.95 16.75
CA PRO A 120 -7.65 -21.75 15.54
C PRO A 120 -8.34 -23.08 15.68
N SER A 121 -8.96 -23.54 14.59
CA SER A 121 -9.54 -24.91 14.58
C SER A 121 -8.40 -25.89 14.66
N SER A 122 -8.68 -27.02 15.28
CA SER A 122 -7.75 -28.11 15.29
C SER A 122 -7.46 -28.55 13.86
N GLU A 123 -8.43 -28.42 12.93
CA GLU A 123 -8.16 -28.77 11.53
C GLU A 123 -6.96 -27.98 10.96
N GLN A 124 -6.96 -26.67 11.21
CA GLN A 124 -5.92 -25.79 10.68
C GLN A 124 -4.54 -26.11 11.30
N LEU A 125 -4.51 -26.41 12.58
CA LEU A 125 -3.27 -26.80 13.25
C LEU A 125 -2.65 -28.05 12.61
N THR A 126 -3.46 -28.98 12.11
CA THR A 126 -2.90 -30.14 11.42
C THR A 126 -2.15 -29.73 10.17
N SER A 127 -2.45 -28.58 9.55
CA SER A 127 -1.72 -28.16 8.35
C SER A 127 -0.53 -27.28 8.70
N GLY A 128 -0.32 -27.02 10.00
CA GLY A 128 0.78 -26.17 10.47
C GLY A 128 0.55 -24.68 10.58
N GLY A 129 -0.69 -24.20 10.37
CA GLY A 129 -1.00 -22.80 10.53
C GLY A 129 -1.84 -22.60 11.75
N ALA A 130 -1.95 -21.37 12.23
CA ALA A 130 -2.89 -21.01 13.30
C ALA A 130 -3.40 -19.56 13.18
N SER A 131 -4.67 -19.40 12.80
CA SER A 131 -5.30 -18.14 12.61
C SER A 131 -6.24 -17.97 13.76
N VAL A 132 -6.18 -16.80 14.40
CA VAL A 132 -7.11 -16.45 15.46
C VAL A 132 -8.03 -15.42 14.89
N VAL A 133 -9.34 -15.61 15.06
CA VAL A 133 -10.29 -14.72 14.42
C VAL A 133 -11.07 -13.90 15.45
N CYS A 134 -11.27 -12.64 15.11
CA CYS A 134 -12.04 -11.72 15.98
C CYS A 134 -13.09 -11.04 15.10
N PHE A 135 -14.35 -11.17 15.46
CA PHE A 135 -15.45 -10.52 14.76
C PHE A 135 -15.88 -9.38 15.64
N LEU A 136 -15.98 -8.18 15.04
CA LEU A 136 -16.54 -6.99 15.66
C LEU A 136 -17.74 -6.59 14.84
N ASN A 137 -18.92 -7.01 15.28
CA ASN A 137 -20.12 -6.88 14.50
C ASN A 137 -21.09 -5.83 15.02
N ASN A 138 -21.77 -5.24 14.03
CA ASN A 138 -22.95 -4.36 14.22
C ASN A 138 -22.66 -3.18 15.10
N PHE A 139 -21.67 -2.41 14.69
CA PHE A 139 -21.28 -1.19 15.41
C PHE A 139 -21.56 0.05 14.57
N TYR A 140 -21.70 1.18 15.25
CA TYR A 140 -21.82 2.49 14.55
C TYR A 140 -21.25 3.60 15.46
N PRO A 141 -20.42 4.50 14.96
CA PRO A 141 -20.04 4.68 13.56
C PRO A 141 -18.94 3.79 13.12
N LYS A 142 -18.50 3.97 11.88
CA LYS A 142 -17.62 3.00 11.28
C LYS A 142 -16.19 2.92 11.84
N ASP A 143 -15.74 4.00 12.48
CA ASP A 143 -14.35 4.11 12.87
C ASP A 143 -14.07 3.25 14.08
N ILE A 144 -13.13 2.35 13.91
CA ILE A 144 -12.81 1.41 14.93
C ILE A 144 -11.33 1.00 14.87
N ASN A 145 -10.81 0.69 16.06
CA ASN A 145 -9.49 0.20 16.22
C ASN A 145 -9.45 -1.15 16.92
N VAL A 146 -8.79 -2.10 16.27
CA VAL A 146 -8.60 -3.47 16.78
C VAL A 146 -7.12 -3.67 17.01
N LYS A 147 -6.80 -4.19 18.19
CA LYS A 147 -5.44 -4.44 18.64
C LYS A 147 -5.34 -5.89 19.12
N TRP A 148 -4.31 -6.60 18.67
CA TRP A 148 -4.09 -8.00 19.10
C TRP A 148 -3.02 -8.07 20.13
N LYS A 149 -3.19 -8.92 21.14
CA LYS A 149 -2.21 -9.13 22.19
C LYS A 149 -1.92 -10.62 22.45
N ILE A 150 -0.63 -10.98 22.39
CA ILE A 150 -0.15 -12.35 22.71
C ILE A 150 0.60 -12.23 24.05
N ASP A 151 0.10 -12.91 25.08
CA ASP A 151 0.66 -12.86 26.43
C ASP A 151 0.89 -11.41 26.90
N GLY A 152 -0.06 -10.54 26.65
CA GLY A 152 -0.01 -9.19 27.22
C GLY A 152 0.78 -8.24 26.38
N SER A 153 1.31 -8.69 25.23
CA SER A 153 2.21 -7.85 24.44
C SER A 153 1.62 -7.66 23.07
N GLU A 154 1.54 -6.42 22.59
CA GLU A 154 0.89 -6.12 21.32
C GLU A 154 1.55 -6.84 20.15
N ARG A 155 0.74 -7.32 19.20
CA ARG A 155 1.24 -7.95 18.00
C ARG A 155 0.63 -7.30 16.76
N GLN A 156 1.44 -7.05 15.72
CA GLN A 156 1.02 -6.36 14.52
C GLN A 156 1.25 -7.05 13.17
N ASN A 157 2.30 -7.85 13.00
CA ASN A 157 2.44 -8.57 11.73
C ASN A 157 1.62 -9.86 11.83
N GLY A 158 1.18 -10.35 10.66
CA GLY A 158 0.31 -11.54 10.50
C GLY A 158 -1.19 -11.24 10.64
N VAL A 159 -1.53 -9.94 10.81
CA VAL A 159 -2.91 -9.43 11.02
C VAL A 159 -3.51 -8.93 9.70
N LEU A 160 -4.73 -9.36 9.41
CA LEU A 160 -5.47 -9.04 8.21
C LEU A 160 -6.91 -8.67 8.59
N ASN A 161 -7.33 -7.50 8.14
CA ASN A 161 -8.59 -6.89 8.49
C ASN A 161 -9.47 -6.71 7.30
N SER A 162 -10.79 -6.76 7.52
CA SER A 162 -11.74 -6.64 6.44
C SER A 162 -12.96 -6.00 6.99
N TRP A 163 -13.46 -4.98 6.31
CA TRP A 163 -14.62 -4.23 6.77
C TRP A 163 -15.75 -4.47 5.87
N THR A 164 -16.96 -4.53 6.41
CA THR A 164 -18.18 -4.46 5.59
C THR A 164 -18.53 -3.02 5.29
N ASP A 165 -19.33 -2.86 4.24
CA ASP A 165 -20.04 -1.62 3.96
C ASP A 165 -21.28 -1.61 4.85
N GLN A 166 -21.94 -0.45 4.84
CA GLN A 166 -23.07 -0.14 5.70
C GLN A 166 -24.26 -1.12 5.50
N ASP A 167 -24.72 -1.70 6.57
CA ASP A 167 -25.75 -2.72 6.51
C ASP A 167 -27.06 -2.16 6.02
N SER A 168 -27.67 -2.86 5.07
CA SER A 168 -28.96 -2.46 4.47
C SER A 168 -30.17 -2.63 5.40
N LYS A 169 -30.00 -3.28 6.54
CA LYS A 169 -31.09 -3.58 7.50
C LYS A 169 -31.03 -2.66 8.74
N ASP A 170 -29.89 -2.65 9.40
CA ASP A 170 -29.77 -1.86 10.62
C ASP A 170 -28.77 -0.69 10.50
N SER A 171 -28.21 -0.45 9.30
CA SER A 171 -27.29 0.68 9.08
C SER A 171 -25.96 0.69 9.86
N THR A 172 -25.60 -0.45 10.46
CA THR A 172 -24.36 -0.64 11.18
C THR A 172 -23.22 -1.14 10.27
N TYR A 173 -22.02 -1.26 10.83
CA TYR A 173 -20.83 -1.75 10.18
C TYR A 173 -20.33 -2.92 10.98
N SER A 174 -19.56 -3.80 10.30
CA SER A 174 -18.92 -4.98 10.91
C SER A 174 -17.48 -5.15 10.45
N MET A 175 -16.69 -5.87 11.23
CA MET A 175 -15.32 -6.07 10.89
C MET A 175 -14.77 -7.40 11.38
N SER A 176 -13.83 -7.94 10.57
CA SER A 176 -13.20 -9.19 10.79
C SER A 176 -11.69 -8.98 10.84
N SER A 177 -11.06 -9.43 11.90
CA SER A 177 -9.62 -9.35 12.08
C SER A 177 -9.07 -10.75 12.37
N THR A 178 -8.13 -11.16 11.52
CA THR A 178 -7.49 -12.48 11.56
C THR A 178 -5.93 -12.36 11.86
N LEU A 179 -5.50 -12.91 12.99
CA LEU A 179 -4.10 -12.94 13.28
C LEU A 179 -3.58 -14.30 12.87
N THR A 180 -2.77 -14.38 11.82
CA THR A 180 -2.18 -15.66 11.40
C THR A 180 -0.71 -15.85 11.85
N LEU A 181 -0.48 -16.95 12.58
CA LEU A 181 0.82 -17.41 13.03
C LEU A 181 1.13 -18.78 12.46
N THR A 182 2.33 -19.27 12.70
CA THR A 182 2.61 -20.69 12.55
C THR A 182 2.13 -21.40 13.79
N LYS A 183 1.85 -22.68 13.63
CA LYS A 183 1.52 -23.53 14.75
C LYS A 183 2.58 -23.48 15.83
N ASP A 184 3.84 -23.56 15.40
CA ASP A 184 4.95 -23.43 16.34
C ASP A 184 4.81 -22.16 17.25
N GLU A 185 4.73 -20.96 16.65
CA GLU A 185 4.48 -19.72 17.41
C GLU A 185 3.29 -19.91 18.31
N TYR A 186 2.20 -20.43 17.76
CA TYR A 186 0.91 -20.46 18.48
C TYR A 186 1.03 -21.30 19.75
N GLU A 187 1.72 -22.43 19.63
CA GLU A 187 1.89 -23.37 20.75
C GLU A 187 2.84 -22.83 21.82
N ARG A 188 3.61 -21.80 21.54
CA ARG A 188 4.52 -21.27 22.56
C ARG A 188 3.90 -20.25 23.55
N HIS A 189 2.74 -19.73 23.23
CA HIS A 189 2.15 -18.75 24.10
C HIS A 189 0.82 -19.28 24.58
N ASN A 190 0.27 -18.59 25.55
CA ASN A 190 -0.93 -19.08 26.23
C ASN A 190 -2.17 -18.16 26.02
N SER A 191 -1.94 -16.85 26.04
CA SER A 191 -3.00 -15.87 26.15
C SER A 191 -3.15 -15.06 24.88
N TYR A 192 -4.32 -15.16 24.28
CA TYR A 192 -4.60 -14.42 23.04
C TYR A 192 -5.80 -13.48 23.18
N THR A 193 -5.65 -12.23 22.77
CA THR A 193 -6.60 -11.18 23.11
C THR A 193 -6.83 -10.31 21.93
N CYS A 194 -8.10 -10.02 21.58
CA CYS A 194 -8.36 -8.85 20.73
C CYS A 194 -9.09 -7.80 21.52
N GLU A 195 -8.61 -6.56 21.35
CA GLU A 195 -9.10 -5.38 22.03
C GLU A 195 -9.65 -4.41 20.98
N ALA A 196 -10.93 -4.13 21.09
CA ALA A 196 -11.59 -3.17 20.22
C ALA A 196 -11.84 -1.87 20.96
N THR A 197 -11.42 -0.76 20.37
CA THR A 197 -11.67 0.55 20.96
C THR A 197 -12.50 1.31 19.97
N HIS A 198 -13.67 1.75 20.47
CA HIS A 198 -14.73 2.33 19.66
C HIS A 198 -15.20 3.64 20.28
N LYS A 199 -15.81 4.51 19.50
CA LYS A 199 -16.23 5.87 19.92
C LYS A 199 -17.14 5.81 21.16
N THR A 200 -17.97 4.77 21.24
CA THR A 200 -18.91 4.60 22.32
C THR A 200 -18.28 4.41 23.71
N SER A 201 -17.02 4.00 23.80
CA SER A 201 -16.35 3.91 25.08
C SER A 201 -14.89 4.25 25.02
N THR A 202 -14.39 4.92 26.04
CA THR A 202 -12.91 5.00 26.18
C THR A 202 -12.28 3.74 26.77
N SER A 203 -13.05 2.80 27.31
CA SER A 203 -12.50 1.49 27.64
C SER A 203 -12.60 0.57 26.42
N PRO A 204 -11.50 -0.06 26.06
CA PRO A 204 -11.64 -1.08 24.99
C PRO A 204 -12.46 -2.27 25.47
N ILE A 205 -13.21 -2.85 24.53
CA ILE A 205 -13.83 -4.15 24.77
C ILE A 205 -12.80 -5.21 24.53
N VAL A 206 -12.59 -6.08 25.54
CA VAL A 206 -11.50 -7.05 25.56
C VAL A 206 -12.06 -8.46 25.49
N LYS A 207 -11.56 -9.24 24.54
CA LYS A 207 -12.01 -10.62 24.45
C LYS A 207 -10.79 -11.47 24.29
N SER A 208 -10.74 -12.55 25.05
CA SER A 208 -9.59 -13.41 24.98
C SER A 208 -9.87 -14.81 25.44
N PHE A 209 -8.94 -15.67 25.09
CA PHE A 209 -8.96 -17.06 25.55
C PHE A 209 -7.56 -17.46 25.92
N ASN A 210 -7.48 -18.59 26.61
CA ASN A 210 -6.19 -19.18 26.98
C ASN A 210 -6.10 -20.50 26.24
N ARG A 211 -4.96 -20.72 25.58
CA ARG A 211 -4.75 -21.91 24.74
C ARG A 211 -4.93 -23.22 25.51
N ASN A 212 -4.46 -23.22 26.77
CA ASN A 212 -4.62 -24.31 27.73
C ASN A 212 -6.02 -24.97 27.91
N GLU A 213 -7.12 -24.31 27.50
CA GLU A 213 -8.45 -25.02 27.38
C GLU A 213 -9.05 -25.17 25.95
N CYS A 214 -10.10 -26.01 25.87
CA CYS A 214 -10.74 -26.45 24.60
C CYS A 214 -11.86 -25.52 24.10
N GLU B 1 -34.15 -5.55 -10.42
CA GLU B 1 -32.71 -5.38 -10.01
C GLU B 1 -31.86 -5.22 -11.30
N VAL B 2 -31.34 -6.34 -11.85
CA VAL B 2 -30.46 -6.35 -13.04
C VAL B 2 -31.22 -6.98 -14.20
N LYS B 3 -31.19 -6.34 -15.38
CA LYS B 3 -32.00 -6.76 -16.53
C LYS B 3 -31.20 -7.42 -17.70
N LEU B 4 -29.88 -7.23 -17.72
CA LEU B 4 -29.05 -7.80 -18.79
C LEU B 4 -28.20 -8.87 -18.13
N HIS B 5 -27.77 -9.86 -18.91
CA HIS B 5 -27.04 -10.99 -18.36
C HIS B 5 -25.65 -11.12 -18.96
N GLN B 6 -24.61 -11.00 -18.11
CA GLN B 6 -23.21 -11.08 -18.50
C GLN B 6 -22.57 -12.43 -18.22
N SER B 7 -21.47 -12.72 -18.92
CA SER B 7 -20.71 -13.92 -18.73
C SER B 7 -19.98 -13.88 -17.40
N GLY B 8 -19.49 -15.02 -16.96
CA GLY B 8 -18.94 -15.17 -15.59
C GLY B 8 -17.49 -14.72 -15.43
N ALA B 9 -17.08 -14.72 -14.16
CA ALA B 9 -15.74 -14.28 -13.76
C ALA B 9 -14.59 -14.91 -14.59
N GLU B 10 -13.49 -14.21 -14.78
CA GLU B 10 -12.42 -14.68 -15.62
C GLU B 10 -11.09 -14.39 -15.01
N LEU B 11 -10.24 -15.39 -15.11
CA LEU B 11 -8.83 -15.31 -14.72
C LEU B 11 -8.07 -15.53 -16.01
N VAL B 12 -7.15 -14.62 -16.29
CA VAL B 12 -6.48 -14.61 -17.57
C VAL B 12 -5.07 -14.11 -17.34
N ASN B 13 -4.11 -14.74 -18.05
CA ASN B 13 -2.73 -14.35 -17.97
C ASN B 13 -2.41 -12.95 -18.54
N PRO B 14 -1.39 -12.30 -17.95
CA PRO B 14 -0.93 -11.02 -18.55
C PRO B 14 -0.49 -11.23 -20.02
N GLY B 15 -0.91 -10.33 -20.92
CA GLY B 15 -0.60 -10.39 -22.34
C GLY B 15 -1.70 -11.03 -23.20
N ALA B 16 -2.57 -11.81 -22.58
CA ALA B 16 -3.63 -12.54 -23.26
C ALA B 16 -4.88 -11.67 -23.35
N SER B 17 -5.96 -12.26 -23.86
CA SER B 17 -7.24 -11.55 -24.09
C SER B 17 -8.42 -12.32 -23.50
N VAL B 18 -9.52 -11.61 -23.17
CA VAL B 18 -10.81 -12.20 -22.82
C VAL B 18 -11.94 -11.56 -23.59
N LYS B 19 -13.05 -12.28 -23.71
CA LYS B 19 -14.24 -11.85 -24.40
C LYS B 19 -15.38 -12.02 -23.46
N ILE B 20 -16.01 -10.92 -23.06
CA ILE B 20 -17.15 -10.92 -22.14
C ILE B 20 -18.45 -10.74 -22.96
N SER B 21 -19.46 -11.54 -22.66
CA SER B 21 -20.74 -11.38 -23.32
C SER B 21 -21.71 -10.55 -22.44
N CYS B 22 -22.70 -9.96 -23.12
CA CYS B 22 -23.79 -9.22 -22.48
C CYS B 22 -25.05 -9.56 -23.26
N LYS B 23 -25.99 -10.28 -22.64
CA LYS B 23 -27.21 -10.74 -23.30
C LYS B 23 -28.37 -9.83 -22.97
N ALA B 24 -29.08 -9.38 -23.99
CA ALA B 24 -30.12 -8.35 -23.82
C ALA B 24 -31.42 -8.85 -24.42
N PRO B 25 -32.28 -9.47 -23.63
CA PRO B 25 -33.44 -10.14 -24.23
C PRO B 25 -34.57 -9.13 -24.49
N GLY B 26 -35.51 -9.45 -25.37
CA GLY B 26 -36.39 -8.45 -25.97
C GLY B 26 -36.29 -8.36 -27.51
N TYR B 27 -37.31 -7.80 -28.12
CA TYR B 27 -37.44 -7.84 -29.61
C TYR B 27 -36.73 -6.71 -30.38
N THR B 28 -36.06 -5.80 -29.68
CA THR B 28 -35.66 -4.51 -30.23
C THR B 28 -34.15 -4.28 -29.95
N PHE B 29 -33.37 -5.36 -30.06
CA PHE B 29 -31.93 -5.29 -29.76
C PHE B 29 -31.19 -4.22 -30.61
N ASN B 30 -31.64 -4.10 -31.85
CA ASN B 30 -31.09 -3.14 -32.83
C ASN B 30 -31.55 -1.66 -32.64
N ASN B 31 -32.45 -1.42 -31.71
CA ASN B 31 -32.88 -0.06 -31.36
C ASN B 31 -32.10 0.69 -30.26
N TYR B 32 -31.23 -0.02 -29.55
CA TYR B 32 -30.58 0.49 -28.34
C TYR B 32 -29.09 0.38 -28.44
N TRP B 33 -28.41 1.46 -28.05
CA TRP B 33 -26.98 1.43 -27.85
C TRP B 33 -26.67 0.62 -26.58
N ILE B 34 -25.60 -0.19 -26.63
CA ILE B 34 -25.06 -0.85 -25.47
C ILE B 34 -23.78 -0.13 -25.03
N GLU B 35 -23.71 0.30 -23.78
CA GLU B 35 -22.53 0.98 -23.20
C GLU B 35 -21.69 -0.03 -22.43
N TRP B 36 -20.38 0.15 -22.38
CA TRP B 36 -19.50 -0.71 -21.63
C TRP B 36 -18.72 0.17 -20.68
N VAL B 37 -18.70 -0.25 -19.41
CA VAL B 37 -18.15 0.53 -18.30
C VAL B 37 -17.12 -0.29 -17.51
N LYS B 38 -16.07 0.37 -17.02
CA LYS B 38 -15.04 -0.28 -16.22
C LYS B 38 -15.05 0.27 -14.82
N GLN B 39 -14.96 -0.62 -13.85
CA GLN B 39 -14.80 -0.27 -12.44
C GLN B 39 -13.69 -1.05 -11.69
N ARG B 40 -12.62 -0.37 -11.32
CA ARG B 40 -11.61 -0.95 -10.44
C ARG B 40 -11.95 -0.60 -9.00
N PRO B 41 -11.77 -1.54 -8.04
CA PRO B 41 -12.10 -1.21 -6.62
C PRO B 41 -11.39 0.04 -6.12
N GLY B 42 -12.08 0.87 -5.35
CA GLY B 42 -11.50 2.13 -4.86
C GLY B 42 -11.66 3.18 -5.92
N HIS B 43 -11.25 2.93 -7.18
CA HIS B 43 -11.63 3.86 -8.30
C HIS B 43 -13.18 3.85 -8.48
N GLY B 44 -13.61 4.87 -9.23
CA GLY B 44 -14.98 4.98 -9.61
C GLY B 44 -15.21 4.25 -10.89
N LEU B 45 -16.23 4.74 -11.58
CA LEU B 45 -16.65 4.21 -12.86
C LEU B 45 -15.97 4.91 -13.97
N GLU B 46 -15.82 4.21 -15.07
CA GLU B 46 -15.12 4.72 -16.21
C GLU B 46 -15.77 4.22 -17.54
N TRP B 47 -15.93 5.14 -18.51
CA TRP B 47 -16.64 4.76 -19.75
C TRP B 47 -15.69 4.19 -20.78
N ILE B 48 -16.01 3.04 -21.33
CA ILE B 48 -15.18 2.41 -22.31
C ILE B 48 -15.60 2.73 -23.73
N GLY B 49 -16.89 2.67 -24.00
CA GLY B 49 -17.41 2.83 -25.37
C GLY B 49 -18.89 2.35 -25.48
N GLU B 50 -19.41 2.40 -26.70
CA GLU B 50 -20.72 1.87 -26.97
C GLU B 50 -20.80 1.27 -28.34
N ILE B 51 -21.80 0.46 -28.53
CA ILE B 51 -22.09 -0.10 -29.84
C ILE B 51 -23.58 -0.11 -30.05
N LEU B 52 -23.98 0.10 -31.31
CA LEU B 52 -25.39 0.01 -31.70
C LEU B 52 -25.47 -1.22 -32.55
N PRO B 53 -26.01 -2.30 -32.01
CA PRO B 53 -25.99 -3.56 -32.74
C PRO B 53 -26.72 -3.42 -34.11
N GLY B 54 -26.10 -3.92 -35.19
CA GLY B 54 -26.73 -4.05 -36.46
C GLY B 54 -26.59 -2.82 -37.33
N SER B 55 -26.03 -1.73 -36.82
CA SER B 55 -25.82 -0.51 -37.57
C SER B 55 -24.41 -0.27 -38.15
N GLY B 56 -23.41 -1.02 -37.76
CA GLY B 56 -22.02 -0.63 -38.07
C GLY B 56 -21.46 0.59 -37.33
N ARG B 57 -22.13 1.03 -36.28
CA ARG B 57 -21.80 2.19 -35.51
C ARG B 57 -21.27 1.80 -34.11
N ILE B 58 -20.10 2.36 -33.81
CA ILE B 58 -19.38 2.09 -32.59
C ILE B 58 -18.62 3.33 -32.14
N ASN B 59 -18.71 3.71 -30.87
CA ASN B 59 -17.84 4.79 -30.36
C ASN B 59 -16.95 4.30 -29.22
N TYR B 60 -15.61 4.44 -29.34
CA TYR B 60 -14.62 4.03 -28.30
C TYR B 60 -14.16 5.28 -27.52
N ASN B 61 -13.99 5.16 -26.24
CA ASN B 61 -13.16 6.09 -25.52
C ASN B 61 -11.77 5.93 -26.07
N GLU B 62 -11.12 7.04 -26.37
CA GLU B 62 -9.74 7.06 -26.89
C GLU B 62 -8.77 6.16 -26.11
N LYS B 63 -8.86 6.25 -24.78
CA LYS B 63 -8.03 5.55 -23.86
C LYS B 63 -8.07 4.00 -24.05
N PHE B 64 -9.17 3.46 -24.59
CA PHE B 64 -9.35 2.01 -24.72
C PHE B 64 -9.36 1.58 -26.18
N LYS B 65 -8.90 2.44 -27.09
CA LYS B 65 -9.03 2.19 -28.52
C LYS B 65 -8.43 0.83 -28.92
N ASP B 66 -7.23 0.56 -28.44
CA ASP B 66 -6.55 -0.69 -28.74
C ASP B 66 -6.72 -1.80 -27.72
N LYS B 67 -7.47 -1.53 -26.67
CA LYS B 67 -7.68 -2.46 -25.65
C LYS B 67 -9.01 -3.16 -25.82
N ALA B 68 -10.10 -2.40 -26.06
CA ALA B 68 -11.46 -2.99 -26.25
C ALA B 68 -11.77 -3.21 -27.73
N THR B 69 -12.45 -4.32 -28.01
CA THR B 69 -13.07 -4.56 -29.34
C THR B 69 -14.54 -5.00 -29.13
N PHE B 70 -15.47 -4.26 -29.74
CA PHE B 70 -16.90 -4.50 -29.57
C PHE B 70 -17.47 -5.17 -30.78
N THR B 71 -18.28 -6.20 -30.56
CA THR B 71 -19.09 -6.79 -31.61
C THR B 71 -20.43 -7.09 -31.03
N ALA B 72 -21.35 -7.36 -31.94
CA ALA B 72 -22.64 -7.83 -31.52
C ALA B 72 -23.18 -8.82 -32.48
N ASP B 73 -23.94 -9.77 -31.96
CA ASP B 73 -24.65 -10.74 -32.75
C ASP B 73 -26.17 -10.59 -32.53
N THR B 74 -26.83 -10.16 -33.58
CA THR B 74 -28.25 -9.79 -33.48
C THR B 74 -29.22 -10.96 -33.35
N SER B 75 -28.91 -12.09 -33.97
CA SER B 75 -29.75 -13.25 -33.86
C SER B 75 -29.77 -13.79 -32.42
N SER B 76 -28.71 -13.59 -31.63
CA SER B 76 -28.75 -14.04 -30.23
C SER B 76 -28.90 -12.92 -29.21
N ASN B 77 -29.16 -11.71 -29.65
CA ASN B 77 -29.28 -10.56 -28.75
C ASN B 77 -28.12 -10.42 -27.74
N THR B 78 -26.90 -10.62 -28.23
CA THR B 78 -25.72 -10.66 -27.40
C THR B 78 -24.63 -9.71 -27.89
N ALA B 79 -24.11 -8.89 -26.99
CA ALA B 79 -22.99 -7.98 -27.31
C ALA B 79 -21.76 -8.51 -26.62
N TYR B 80 -20.61 -8.29 -27.22
CA TYR B 80 -19.35 -8.78 -26.71
C TYR B 80 -18.35 -7.66 -26.60
N MET B 81 -17.49 -7.76 -25.61
CA MET B 81 -16.36 -6.91 -25.56
C MET B 81 -15.14 -7.74 -25.30
N GLN B 82 -14.23 -7.72 -26.26
CA GLN B 82 -12.93 -8.35 -26.06
C GLN B 82 -11.94 -7.34 -25.51
N LEU B 83 -11.18 -7.77 -24.53
CA LEU B 83 -10.10 -6.98 -23.96
C LEU B 83 -8.77 -7.69 -24.22
N SER B 84 -7.78 -6.94 -24.69
CA SER B 84 -6.55 -7.53 -25.26
C SER B 84 -5.26 -7.08 -24.60
N SER B 85 -4.17 -7.84 -24.76
CA SER B 85 -2.83 -7.55 -24.14
C SER B 85 -3.01 -7.11 -22.68
N LEU B 86 -3.66 -7.97 -21.93
CA LEU B 86 -4.06 -7.60 -20.57
C LEU B 86 -2.85 -7.41 -19.66
N THR B 87 -3.00 -6.44 -18.74
CA THR B 87 -2.08 -6.12 -17.69
C THR B 87 -2.90 -5.99 -16.44
N SER B 88 -2.26 -5.72 -15.33
CA SER B 88 -3.04 -5.71 -14.08
C SER B 88 -3.83 -4.44 -13.91
N ASP B 89 -3.57 -3.40 -14.71
CA ASP B 89 -4.48 -2.26 -14.72
C ASP B 89 -5.83 -2.67 -15.35
N ASP B 90 -5.88 -3.78 -16.08
CA ASP B 90 -7.16 -4.31 -16.60
C ASP B 90 -7.98 -5.14 -15.64
N SER B 91 -7.50 -5.40 -14.44
CA SER B 91 -8.21 -6.21 -13.49
C SER B 91 -9.26 -5.26 -12.94
N ALA B 92 -10.54 -5.64 -13.08
CA ALA B 92 -11.66 -4.75 -12.70
C ALA B 92 -12.94 -5.51 -12.93
N VAL B 93 -14.06 -4.90 -12.52
CA VAL B 93 -15.40 -5.31 -12.91
C VAL B 93 -15.84 -4.50 -14.14
N TYR B 94 -16.45 -5.20 -15.11
CA TYR B 94 -16.93 -4.63 -16.34
C TYR B 94 -18.42 -4.79 -16.34
N TYR B 95 -19.16 -3.72 -16.70
CA TYR B 95 -20.59 -3.74 -16.88
C TYR B 95 -20.99 -3.39 -18.30
N CYS B 96 -22.13 -3.87 -18.72
CA CYS B 96 -22.76 -3.42 -19.93
C CYS B 96 -24.10 -2.80 -19.44
N ALA B 97 -24.65 -1.91 -20.26
CA ALA B 97 -25.88 -1.22 -19.93
C ALA B 97 -26.52 -0.76 -21.20
N LYS B 98 -27.85 -0.81 -21.29
CA LYS B 98 -28.55 -0.09 -22.36
C LYS B 98 -28.44 1.40 -22.15
N LYS B 99 -28.33 2.14 -23.24
CA LYS B 99 -28.42 3.62 -23.22
C LYS B 99 -29.92 4.04 -23.22
N TYR B 100 -30.57 3.77 -22.10
CA TYR B 100 -31.98 3.98 -21.92
C TYR B 100 -32.37 3.34 -20.63
N GLY B 101 -33.18 4.07 -19.88
CA GLY B 101 -33.73 3.62 -18.60
C GLY B 101 -32.73 3.02 -17.65
N ASP B 102 -33.20 2.03 -16.91
CA ASP B 102 -32.34 1.33 -15.94
C ASP B 102 -32.16 -0.15 -16.29
N TYR B 103 -31.21 -0.38 -17.20
CA TYR B 103 -30.93 -1.72 -17.72
C TYR B 103 -29.45 -1.97 -17.71
N TRP B 104 -28.98 -2.57 -16.62
CA TRP B 104 -27.58 -2.86 -16.39
C TRP B 104 -27.40 -4.34 -16.21
N GLY B 105 -26.22 -4.84 -16.62
CA GLY B 105 -25.79 -6.21 -16.33
C GLY B 105 -25.35 -6.37 -14.89
N GLN B 106 -25.19 -7.61 -14.41
CA GLN B 106 -24.65 -7.89 -13.08
C GLN B 106 -23.13 -7.64 -12.99
N GLY B 107 -22.45 -7.46 -14.10
CA GLY B 107 -21.01 -7.29 -14.06
C GLY B 107 -20.22 -8.58 -14.23
N THR B 108 -18.96 -8.40 -14.68
CA THR B 108 -18.06 -9.47 -14.96
C THR B 108 -16.74 -9.11 -14.37
N THR B 109 -16.26 -9.90 -13.39
CA THR B 109 -14.94 -9.65 -12.82
C THR B 109 -13.82 -10.28 -13.65
N VAL B 110 -12.76 -9.52 -13.91
CA VAL B 110 -11.60 -9.99 -14.64
C VAL B 110 -10.37 -9.83 -13.73
N THR B 111 -9.62 -10.91 -13.60
CA THR B 111 -8.43 -10.94 -12.82
C THR B 111 -7.31 -11.28 -13.78
N VAL B 112 -6.33 -10.36 -13.90
CA VAL B 112 -5.15 -10.51 -14.76
C VAL B 112 -3.94 -10.88 -13.88
N SER B 113 -3.53 -12.13 -13.97
CA SER B 113 -2.56 -12.72 -13.03
C SER B 113 -2.20 -14.06 -13.56
N SER B 114 -0.97 -14.40 -13.40
CA SER B 114 -0.53 -15.75 -13.75
C SER B 114 -0.38 -16.60 -12.54
N ALA B 115 -0.83 -16.14 -11.38
CA ALA B 115 -0.81 -16.96 -10.18
C ALA B 115 -1.67 -18.21 -10.40
N LYS B 116 -1.35 -19.25 -9.68
CA LYS B 116 -2.00 -20.57 -9.86
C LYS B 116 -3.34 -20.65 -9.11
N THR B 117 -4.34 -21.16 -9.79
CA THR B 117 -5.60 -21.58 -9.17
C THR B 117 -5.38 -22.56 -8.03
N THR B 118 -5.99 -22.27 -6.88
CA THR B 118 -5.71 -22.92 -5.59
C THR B 118 -7.04 -23.03 -4.86
N PRO B 119 -7.41 -24.24 -4.43
CA PRO B 119 -8.70 -24.40 -3.73
C PRO B 119 -8.56 -23.95 -2.30
N PRO B 120 -9.66 -23.54 -1.67
CA PRO B 120 -9.60 -23.02 -0.31
C PRO B 120 -9.52 -24.11 0.72
N SER B 121 -9.05 -23.78 1.89
CA SER B 121 -9.19 -24.63 3.02
C SER B 121 -10.29 -23.96 3.81
N VAL B 122 -11.20 -24.79 4.35
CA VAL B 122 -12.37 -24.26 5.05
C VAL B 122 -12.29 -24.65 6.51
N TYR B 123 -12.21 -23.66 7.39
CA TYR B 123 -12.04 -23.99 8.82
C TYR B 123 -13.25 -23.50 9.65
N PRO B 124 -13.75 -24.34 10.55
CA PRO B 124 -14.84 -23.92 11.44
C PRO B 124 -14.37 -22.95 12.52
N LEU B 125 -15.24 -22.01 12.87
CA LEU B 125 -15.04 -21.17 14.02
C LEU B 125 -16.19 -21.38 14.99
N ALA B 126 -15.92 -22.18 16.01
CA ALA B 126 -16.86 -22.44 17.11
C ALA B 126 -16.41 -21.79 18.38
N PRO B 127 -17.33 -21.35 19.23
CA PRO B 127 -16.92 -20.67 20.50
C PRO B 127 -15.99 -21.51 21.35
N GLY B 128 -14.95 -20.86 21.89
CA GLY B 128 -14.08 -21.41 22.94
C GLY B 128 -14.91 -21.86 24.15
N SER B 129 -14.30 -22.73 24.95
CA SER B 129 -14.92 -23.23 26.22
C SER B 129 -15.10 -22.16 27.34
N ALA B 130 -14.37 -21.04 27.26
CA ALA B 130 -14.76 -19.77 27.90
C ALA B 130 -16.11 -19.30 27.31
N ALA B 131 -17.16 -20.09 27.58
CA ALA B 131 -18.44 -20.04 26.87
C ALA B 131 -19.35 -18.95 27.47
N GLN B 132 -19.57 -17.86 26.73
CA GLN B 132 -20.48 -16.74 27.12
C GLN B 132 -21.99 -16.97 26.79
N THR B 133 -22.84 -17.16 27.83
CA THR B 133 -24.30 -17.49 27.66
C THR B 133 -25.18 -16.19 27.78
N ASN B 134 -24.90 -15.26 26.87
CA ASN B 134 -25.94 -14.31 26.41
C ASN B 134 -26.98 -15.17 25.64
N SER B 135 -28.04 -14.56 25.14
CA SER B 135 -29.08 -15.31 24.40
C SER B 135 -28.78 -15.41 22.88
N MET B 136 -27.62 -14.99 22.42
CA MET B 136 -27.22 -15.24 21.06
C MET B 136 -25.80 -15.78 21.06
N VAL B 137 -25.50 -16.63 20.08
CA VAL B 137 -24.18 -17.21 19.87
C VAL B 137 -23.75 -16.90 18.45
N THR B 138 -22.48 -16.51 18.28
CA THR B 138 -21.90 -16.26 16.96
C THR B 138 -20.96 -17.42 16.58
N LEU B 139 -21.06 -17.88 15.35
CA LEU B 139 -20.25 -18.92 14.76
C LEU B 139 -19.65 -18.39 13.47
N GLY B 140 -18.67 -19.12 12.94
CA GLY B 140 -18.02 -18.68 11.74
C GLY B 140 -17.39 -19.73 10.89
N CYS B 141 -17.02 -19.32 9.70
CA CYS B 141 -16.21 -20.08 8.78
C CYS B 141 -15.04 -19.20 8.35
N LEU B 142 -13.84 -19.75 8.44
CA LEU B 142 -12.67 -19.15 7.79
C LEU B 142 -12.36 -19.85 6.49
N VAL B 143 -12.28 -19.08 5.41
CA VAL B 143 -12.05 -19.63 4.11
C VAL B 143 -10.72 -19.08 3.62
N LYS B 144 -9.70 -19.91 3.71
CA LYS B 144 -8.29 -19.51 3.54
C LYS B 144 -7.51 -20.16 2.40
N GLY B 145 -6.70 -19.36 1.73
CA GLY B 145 -5.64 -19.85 0.87
C GLY B 145 -6.08 -20.18 -0.54
N TYR B 146 -7.03 -19.41 -1.10
CA TYR B 146 -7.61 -19.76 -2.40
C TYR B 146 -7.30 -18.73 -3.45
N PHE B 147 -7.41 -19.13 -4.72
CA PHE B 147 -7.25 -18.22 -5.84
C PHE B 147 -7.84 -18.81 -7.10
N PRO B 148 -8.50 -18.04 -7.99
CA PRO B 148 -8.87 -16.65 -7.81
C PRO B 148 -10.19 -16.46 -7.00
N GLU B 149 -10.66 -15.24 -6.88
CA GLU B 149 -12.03 -14.95 -6.52
C GLU B 149 -12.96 -15.44 -7.65
N PRO B 150 -14.21 -15.76 -7.39
CA PRO B 150 -14.82 -15.73 -6.10
C PRO B 150 -15.04 -17.13 -5.54
N VAL B 151 -15.26 -17.14 -4.24
CA VAL B 151 -15.99 -18.18 -3.56
C VAL B 151 -17.36 -17.60 -3.21
N THR B 152 -18.36 -18.45 -3.12
CA THR B 152 -19.63 -18.07 -2.52
C THR B 152 -19.80 -18.89 -1.24
N VAL B 153 -20.24 -18.22 -0.19
CA VAL B 153 -20.42 -18.85 1.12
C VAL B 153 -21.86 -18.82 1.47
N THR B 154 -22.43 -19.93 1.94
CA THR B 154 -23.79 -19.92 2.45
C THR B 154 -23.82 -20.65 3.74
N TRP B 155 -24.97 -20.55 4.42
CA TRP B 155 -25.20 -21.26 5.68
C TRP B 155 -26.45 -22.13 5.52
N ASN B 156 -26.30 -23.40 5.88
CA ASN B 156 -27.35 -24.43 5.67
C ASN B 156 -27.99 -24.33 4.31
N SER B 157 -27.13 -24.35 3.31
CA SER B 157 -27.52 -24.30 1.92
C SER B 157 -28.39 -23.15 1.55
N GLY B 158 -28.27 -22.01 2.22
CA GLY B 158 -29.11 -20.86 1.95
C GLY B 158 -30.21 -20.61 3.00
N SER B 159 -30.58 -21.64 3.76
CA SER B 159 -31.74 -21.56 4.69
C SER B 159 -31.57 -20.62 5.86
N LEU B 160 -30.33 -20.33 6.20
CA LEU B 160 -29.97 -19.43 7.26
C LEU B 160 -29.34 -18.21 6.58
N SER B 161 -30.06 -17.10 6.58
CA SER B 161 -29.57 -15.82 5.97
C SER B 161 -29.61 -14.64 6.93
N SER B 162 -30.44 -14.72 7.96
CA SER B 162 -30.39 -13.73 9.02
C SER B 162 -29.20 -13.98 9.91
N GLY B 163 -28.57 -12.89 10.23
CA GLY B 163 -27.47 -12.87 11.18
C GLY B 163 -26.11 -13.12 10.58
N VAL B 164 -26.05 -13.08 9.26
CA VAL B 164 -24.87 -13.46 8.50
C VAL B 164 -24.12 -12.22 8.08
N HIS B 165 -22.81 -12.19 8.32
CA HIS B 165 -21.91 -11.20 7.70
C HIS B 165 -20.85 -11.97 6.95
N THR B 166 -20.79 -11.84 5.63
CA THR B 166 -19.68 -12.43 4.87
C THR B 166 -18.75 -11.26 4.48
N PHE B 167 -17.50 -11.34 4.91
CA PHE B 167 -16.55 -10.28 4.76
C PHE B 167 -15.81 -10.42 3.44
N PRO B 168 -15.49 -9.27 2.80
CA PRO B 168 -14.71 -9.27 1.59
C PRO B 168 -13.39 -10.00 1.76
N ALA B 169 -12.95 -10.67 0.72
CA ALA B 169 -11.69 -11.38 0.76
C ALA B 169 -10.54 -10.41 0.84
N VAL B 170 -9.46 -10.81 1.47
CA VAL B 170 -8.18 -10.07 1.42
C VAL B 170 -7.10 -10.91 0.73
N LEU B 171 -6.30 -10.20 -0.07
CA LEU B 171 -5.29 -10.79 -0.96
C LEU B 171 -3.97 -10.57 -0.30
N GLN B 172 -3.30 -11.64 0.06
CA GLN B 172 -2.05 -11.62 0.73
C GLN B 172 -1.16 -12.62 -0.09
N SER B 173 -0.06 -12.07 -0.60
CA SER B 173 0.80 -12.74 -1.55
C SER B 173 -0.06 -12.94 -2.85
N ASP B 174 -0.37 -14.21 -3.16
CA ASP B 174 -1.24 -14.50 -4.29
C ASP B 174 -2.39 -15.40 -3.85
N LEU B 175 -2.84 -15.21 -2.61
CA LEU B 175 -3.93 -16.00 -2.04
C LEU B 175 -4.92 -15.12 -1.28
N TYR B 176 -6.19 -15.52 -1.39
CA TYR B 176 -7.28 -14.90 -0.68
C TYR B 176 -7.62 -15.66 0.59
N THR B 177 -8.01 -14.87 1.54
CA THR B 177 -8.59 -15.31 2.78
C THR B 177 -9.87 -14.49 3.03
N LEU B 178 -10.91 -15.20 3.48
CA LEU B 178 -12.23 -14.61 3.76
C LEU B 178 -12.84 -15.26 4.94
N SER B 179 -13.65 -14.51 5.66
CA SER B 179 -14.36 -15.11 6.80
C SER B 179 -15.84 -14.76 6.67
N SER B 180 -16.70 -15.63 7.19
CA SER B 180 -18.16 -15.40 7.35
C SER B 180 -18.62 -15.72 8.77
N SER B 181 -19.42 -14.84 9.37
CA SER B 181 -20.01 -15.10 10.69
C SER B 181 -21.49 -15.25 10.57
N VAL B 182 -22.05 -15.94 11.54
CA VAL B 182 -23.49 -16.08 11.64
C VAL B 182 -23.86 -16.06 13.08
N THR B 183 -24.95 -15.38 13.39
CA THR B 183 -25.39 -15.24 14.78
C THR B 183 -26.78 -15.83 14.86
N VAL B 184 -26.99 -16.71 15.84
CA VAL B 184 -28.21 -17.47 16.00
C VAL B 184 -28.58 -17.54 17.47
N PRO B 185 -29.86 -17.87 17.75
CA PRO B 185 -30.19 -18.01 19.20
C PRO B 185 -29.46 -19.15 19.88
N SER B 186 -29.08 -18.91 21.15
CA SER B 186 -28.24 -19.85 21.93
C SER B 186 -28.95 -21.12 22.23
N SER B 187 -30.22 -20.97 22.55
CA SER B 187 -31.05 -22.13 22.86
C SER B 187 -31.01 -23.09 21.66
N THR B 188 -30.96 -22.57 20.44
CA THR B 188 -31.00 -23.39 19.24
C THR B 188 -29.70 -23.99 18.75
N TRP B 189 -28.57 -23.66 19.34
CA TRP B 189 -27.32 -24.28 18.96
C TRP B 189 -26.62 -24.82 20.19
N PRO B 190 -26.11 -26.05 20.14
CA PRO B 190 -25.91 -26.89 18.94
C PRO B 190 -27.02 -27.80 18.48
N SER B 191 -28.18 -27.78 19.13
CA SER B 191 -29.22 -28.77 18.85
C SER B 191 -29.71 -28.64 17.45
N GLU B 192 -29.87 -27.43 16.96
CA GLU B 192 -30.12 -27.20 15.55
C GLU B 192 -28.85 -26.74 14.75
N THR B 193 -28.32 -27.69 13.96
CA THR B 193 -27.00 -27.64 13.44
C THR B 193 -26.80 -26.58 12.39
N VAL B 194 -25.57 -26.12 12.32
CA VAL B 194 -25.19 -25.01 11.45
C VAL B 194 -24.02 -25.45 10.61
N THR B 195 -24.17 -25.30 9.29
CA THR B 195 -23.16 -25.79 8.36
C THR B 195 -22.79 -24.68 7.37
N CYS B 196 -21.50 -24.45 7.18
CA CYS B 196 -21.13 -23.57 6.14
C CYS B 196 -20.76 -24.28 4.84
N ASN B 197 -21.23 -23.69 3.74
CA ASN B 197 -21.06 -24.25 2.40
C ASN B 197 -20.24 -23.25 1.64
N VAL B 198 -19.18 -23.73 1.06
CA VAL B 198 -18.29 -22.87 0.32
C VAL B 198 -18.13 -23.45 -1.04
N ALA B 199 -18.27 -22.61 -2.04
CA ALA B 199 -18.13 -23.06 -3.43
C ALA B 199 -17.04 -22.24 -4.02
N HIS B 200 -16.07 -22.92 -4.67
CA HIS B 200 -15.00 -22.29 -5.45
C HIS B 200 -15.04 -22.81 -6.88
N PRO B 201 -15.86 -22.20 -7.73
CA PRO B 201 -16.03 -22.70 -9.08
C PRO B 201 -14.73 -22.81 -9.84
N ALA B 202 -13.82 -21.84 -9.74
CA ALA B 202 -12.55 -21.95 -10.49
C ALA B 202 -11.73 -23.22 -10.28
N SER B 203 -11.82 -23.80 -9.08
CA SER B 203 -11.14 -25.10 -8.78
C SER B 203 -12.08 -26.26 -8.73
N SER B 204 -13.33 -26.03 -9.12
CA SER B 204 -14.36 -27.07 -9.17
C SER B 204 -14.48 -27.81 -7.83
N THR B 205 -14.52 -27.02 -6.77
CA THR B 205 -14.48 -27.46 -5.42
C THR B 205 -15.74 -26.95 -4.71
N LYS B 206 -16.24 -27.76 -3.82
CA LYS B 206 -17.35 -27.35 -2.96
C LYS B 206 -16.99 -28.05 -1.66
N VAL B 207 -17.12 -27.33 -0.56
CA VAL B 207 -16.86 -27.87 0.79
C VAL B 207 -18.00 -27.49 1.74
N ASP B 208 -18.40 -28.45 2.54
CA ASP B 208 -19.39 -28.29 3.55
C ASP B 208 -18.75 -28.69 4.86
N LYS B 209 -18.87 -27.77 5.82
CA LYS B 209 -18.33 -27.86 7.17
C LYS B 209 -19.36 -27.59 8.29
N LYS B 210 -19.70 -28.63 9.02
CA LYS B 210 -20.56 -28.47 10.17
C LYS B 210 -19.77 -27.81 11.31
N ILE B 211 -20.36 -26.79 11.92
CA ILE B 211 -19.72 -26.13 13.01
C ILE B 211 -20.06 -26.90 14.26
N VAL B 212 -19.07 -27.50 14.90
CA VAL B 212 -19.28 -28.42 16.04
C VAL B 212 -18.70 -27.75 17.26
N PRO B 213 -19.37 -27.86 18.40
CA PRO B 213 -18.78 -27.28 19.63
C PRO B 213 -17.47 -27.90 19.98
N ARG B 214 -16.55 -27.11 20.51
CA ARG B 214 -15.25 -27.65 20.90
C ARG B 214 -15.23 -28.72 22.03
N ASP B 215 -14.36 -29.73 21.88
CA ASP B 215 -14.37 -31.00 22.66
C ASP B 215 -13.41 -30.89 23.90
N CYS B 216 -12.08 -31.03 23.67
CA CYS B 216 -10.95 -31.15 24.67
C CYS B 216 -9.80 -32.09 24.19
N ASP C 1 23.15 26.11 -18.96
CA ASP C 1 22.15 25.43 -18.11
C ASP C 1 21.50 26.40 -17.16
N ILE C 2 20.22 26.22 -16.98
CA ILE C 2 19.51 27.03 -16.03
C ILE C 2 19.72 26.36 -14.66
N GLU C 3 20.16 27.14 -13.69
CA GLU C 3 20.40 26.66 -12.35
C GLU C 3 19.15 26.97 -11.55
N LEU C 4 18.66 25.96 -10.83
CA LEU C 4 17.59 26.16 -9.85
C LEU C 4 18.10 25.97 -8.41
N THR C 5 17.88 27.01 -7.61
CA THR C 5 18.25 27.03 -6.23
C THR C 5 16.99 27.00 -5.38
N GLN C 6 16.85 25.92 -4.60
CA GLN C 6 15.72 25.78 -3.72
C GLN C 6 16.07 26.28 -2.34
N SER C 7 15.08 26.84 -1.67
CA SER C 7 15.24 27.41 -0.34
C SER C 7 13.99 27.12 0.48
N PRO C 8 14.10 26.81 1.78
CA PRO C 8 15.34 26.44 2.43
C PRO C 8 15.73 25.03 1.95
N SER C 9 16.94 24.60 2.22
CA SER C 9 17.36 23.23 1.79
C SER C 9 16.78 22.14 2.72
N SER C 10 16.42 22.49 3.95
CA SER C 10 15.65 21.61 4.81
C SER C 10 14.82 22.38 5.81
N MET C 11 13.72 21.78 6.28
CA MET C 11 12.88 22.43 7.29
C MET C 11 12.03 21.48 8.07
N TYR C 12 11.52 22.00 9.18
CA TYR C 12 10.64 21.32 10.12
C TYR C 12 9.34 22.08 10.20
N ALA C 13 8.24 21.38 10.38
CA ALA C 13 6.95 22.02 10.60
C ALA C 13 5.99 21.06 11.31
N SER C 14 4.93 21.61 11.93
CA SER C 14 3.91 20.78 12.57
C SER C 14 2.70 20.50 11.73
N LEU C 15 1.99 19.43 12.07
CA LEU C 15 0.69 19.15 11.53
C LEU C 15 -0.18 20.42 11.52
N GLY C 16 -0.72 20.77 10.35
CA GLY C 16 -1.69 21.89 10.17
C GLY C 16 -1.08 23.23 9.95
N GLU C 17 0.23 23.35 10.05
CA GLU C 17 0.92 24.58 9.70
C GLU C 17 1.00 24.72 8.19
N ARG C 18 1.16 25.95 7.77
CA ARG C 18 1.41 26.30 6.39
C ARG C 18 2.87 26.07 6.09
N VAL C 19 3.19 25.70 4.86
CA VAL C 19 4.56 25.51 4.41
C VAL C 19 4.73 26.09 3.03
N THR C 20 5.83 26.79 2.84
CA THR C 20 6.13 27.44 1.57
C THR C 20 7.56 27.12 1.22
N ILE C 21 7.80 26.49 0.10
CA ILE C 21 9.17 26.33 -0.36
C ILE C 21 9.39 27.00 -1.73
N THR C 22 10.59 27.56 -1.92
CA THR C 22 10.85 28.38 -3.09
C THR C 22 11.88 27.79 -4.01
N CYS C 23 11.75 28.12 -5.28
CA CYS C 23 12.66 27.70 -6.32
C CYS C 23 12.99 28.95 -7.12
N LYS C 24 14.27 29.33 -7.16
CA LYS C 24 14.76 30.50 -7.89
C LYS C 24 15.63 30.04 -9.11
N ALA C 25 15.21 30.47 -10.31
CA ALA C 25 15.93 30.14 -11.51
C ALA C 25 16.94 31.24 -11.87
N SER C 26 18.03 30.83 -12.49
CA SER C 26 19.09 31.73 -12.82
C SER C 26 18.74 32.61 -14.03
N GLN C 27 17.68 32.26 -14.75
CA GLN C 27 17.05 33.17 -15.74
C GLN C 27 15.55 32.94 -15.79
N ASP C 28 14.84 33.75 -16.58
CA ASP C 28 13.39 33.67 -16.75
C ASP C 28 12.99 32.33 -17.35
N ILE C 29 12.08 31.58 -16.73
CA ILE C 29 11.67 30.28 -17.27
C ILE C 29 10.21 30.20 -17.69
N ASN C 30 9.59 31.35 -17.85
CA ASN C 30 8.27 31.47 -18.47
C ASN C 30 7.24 30.48 -18.01
N SER C 31 7.23 30.23 -16.70
CA SER C 31 6.27 29.38 -16.01
C SER C 31 6.39 27.85 -16.26
N TYR C 32 7.45 27.41 -16.90
CA TYR C 32 7.65 26.04 -17.19
C TYR C 32 8.35 25.37 -16.03
N LEU C 33 7.62 25.15 -14.96
CA LEU C 33 8.24 24.76 -13.71
C LEU C 33 7.38 23.67 -13.09
N ASN C 34 7.93 22.48 -12.82
CA ASN C 34 7.16 21.42 -12.20
C ASN C 34 7.68 21.16 -10.83
N TRP C 35 6.84 20.58 -9.97
CA TRP C 35 7.23 20.15 -8.66
C TRP C 35 7.03 18.65 -8.46
N PHE C 36 8.03 17.98 -7.91
CA PHE C 36 7.92 16.54 -7.54
C PHE C 36 8.14 16.31 -6.04
N GLN C 37 7.51 15.27 -5.51
CA GLN C 37 7.75 14.81 -4.12
C GLN C 37 8.45 13.46 -4.13
N GLN C 38 9.53 13.29 -3.39
CA GLN C 38 10.15 11.96 -3.20
C GLN C 38 10.23 11.58 -1.71
N LYS C 39 9.68 10.41 -1.38
CA LYS C 39 9.83 9.80 -0.04
C LYS C 39 11.00 8.89 0.01
N PRO C 40 11.53 8.69 1.22
CA PRO C 40 12.74 7.86 1.41
C PRO C 40 12.56 6.46 0.81
N GLY C 41 13.51 6.08 -0.03
CA GLY C 41 13.50 4.80 -0.75
C GLY C 41 12.36 4.54 -1.74
N LYS C 42 11.50 5.55 -1.99
CA LYS C 42 10.48 5.46 -3.06
C LYS C 42 10.88 6.33 -4.29
N SER C 43 10.12 6.16 -5.38
CA SER C 43 10.30 6.93 -6.61
C SER C 43 9.72 8.32 -6.42
N PRO C 44 10.18 9.29 -7.20
CA PRO C 44 9.49 10.56 -7.17
C PRO C 44 8.06 10.49 -7.71
N LYS C 45 7.28 11.48 -7.29
CA LYS C 45 5.97 11.63 -7.85
C LYS C 45 5.63 13.08 -8.26
N THR C 46 4.95 13.19 -9.38
CA THR C 46 4.60 14.41 -9.95
C THR C 46 3.42 15.00 -9.18
N LEU C 47 3.59 16.19 -8.64
CA LEU C 47 2.51 16.95 -7.98
C LEU C 47 1.94 18.07 -8.85
N ILE C 48 2.82 18.96 -9.36
CA ILE C 48 2.39 20.19 -10.05
C ILE C 48 3.19 20.31 -11.32
N TYR C 49 2.52 20.66 -12.41
CA TYR C 49 3.17 21.06 -13.65
C TYR C 49 2.78 22.50 -14.02
N HIS C 50 3.55 23.09 -14.89
CA HIS C 50 3.27 24.45 -15.39
C HIS C 50 2.94 25.45 -14.26
N THR C 51 3.80 25.49 -13.25
CA THR C 51 3.76 26.42 -12.12
C THR C 51 2.72 26.10 -11.08
N ASN C 52 1.47 25.87 -11.50
CA ASN C 52 0.33 25.85 -10.62
C ASN C 52 -0.81 24.89 -10.96
N ARG C 53 -0.64 24.02 -11.94
CA ARG C 53 -1.64 23.01 -12.27
C ARG C 53 -1.41 21.75 -11.41
N LEU C 54 -2.45 21.28 -10.72
CA LEU C 54 -2.40 20.01 -10.03
C LEU C 54 -2.52 18.80 -10.93
N VAL C 55 -1.64 17.87 -10.73
CA VAL C 55 -1.85 16.56 -11.31
C VAL C 55 -3.10 15.94 -10.66
N ASP C 56 -3.85 15.14 -11.41
CA ASP C 56 -4.98 14.42 -10.83
C ASP C 56 -4.69 13.66 -9.59
N GLY C 57 -5.55 13.83 -8.58
CA GLY C 57 -5.44 13.08 -7.33
C GLY C 57 -4.57 13.77 -6.33
N VAL C 58 -3.88 14.87 -6.69
CA VAL C 58 -3.06 15.60 -5.76
C VAL C 58 -4.01 16.40 -4.92
N PRO C 59 -3.85 16.28 -3.58
CA PRO C 59 -4.80 16.95 -2.67
C PRO C 59 -4.80 18.48 -2.80
N SER C 60 -5.95 19.07 -2.55
CA SER C 60 -6.16 20.49 -2.73
C SER C 60 -5.32 21.44 -1.87
N ARG C 61 -4.74 20.94 -0.78
CA ARG C 61 -3.88 21.74 0.09
C ARG C 61 -2.60 22.16 -0.57
N PHE C 62 -2.25 21.50 -1.66
CA PHE C 62 -1.13 21.89 -2.49
C PHE C 62 -1.51 23.00 -3.46
N SER C 63 -0.60 23.92 -3.71
CA SER C 63 -0.76 24.85 -4.83
C SER C 63 0.63 25.27 -5.23
N GLY C 64 0.72 25.91 -6.40
CA GLY C 64 1.99 26.48 -6.85
C GLY C 64 1.80 27.88 -7.36
N SER C 65 2.86 28.64 -7.40
CA SER C 65 2.77 30.01 -7.87
C SER C 65 4.10 30.44 -8.39
N GLY C 66 4.13 31.58 -9.09
CA GLY C 66 5.36 32.24 -9.45
C GLY C 66 5.33 32.72 -10.87
N SER C 67 6.39 33.43 -11.26
CA SER C 67 6.60 33.84 -12.66
C SER C 67 8.03 34.33 -12.80
N GLY C 68 8.46 34.59 -14.04
CA GLY C 68 9.83 35.02 -14.28
C GLY C 68 10.83 33.99 -13.76
N GLN C 69 11.51 34.37 -12.67
CA GLN C 69 12.55 33.59 -11.99
C GLN C 69 12.17 32.96 -10.63
N ASP C 70 11.01 33.36 -10.08
CA ASP C 70 10.69 33.05 -8.67
C ASP C 70 9.43 32.21 -8.54
N TYR C 71 9.58 30.96 -8.08
CA TYR C 71 8.46 30.02 -7.99
C TYR C 71 8.32 29.49 -6.59
N SER C 72 7.12 29.09 -6.22
CA SER C 72 6.86 28.58 -4.87
C SER C 72 5.95 27.43 -4.95
N LEU C 73 6.12 26.51 -4.03
CA LEU C 73 5.13 25.49 -3.75
C LEU C 73 4.65 25.69 -2.31
N ILE C 74 3.35 25.61 -2.12
CA ILE C 74 2.71 25.92 -0.86
C ILE C 74 1.90 24.74 -0.42
N ILE C 75 2.03 24.38 0.84
CA ILE C 75 1.06 23.51 1.46
C ILE C 75 0.28 24.24 2.53
N SER C 76 -1.04 24.32 2.37
CA SER C 76 -1.87 25.26 3.15
C SER C 76 -2.09 24.81 4.57
N SER C 77 -2.13 23.48 4.77
CA SER C 77 -2.33 22.82 6.08
C SER C 77 -1.60 21.45 5.98
N LEU C 78 -0.44 21.35 6.62
CA LEU C 78 0.43 20.18 6.50
C LEU C 78 -0.20 18.90 7.05
N GLU C 79 -0.07 17.81 6.29
CA GLU C 79 -0.47 16.50 6.73
C GLU C 79 0.81 15.65 6.92
N PHE C 80 0.65 14.59 7.75
CA PHE C 80 1.68 13.57 8.03
C PHE C 80 2.25 13.01 6.72
N GLU C 81 1.39 12.62 5.78
CA GLU C 81 1.91 12.10 4.49
C GLU C 81 2.72 13.10 3.61
N ASP C 82 2.87 14.36 4.00
CA ASP C 82 3.61 15.32 3.17
C ASP C 82 5.14 15.36 3.47
N MET C 83 5.60 14.53 4.41
CA MET C 83 7.05 14.45 4.72
C MET C 83 7.76 13.93 3.51
N GLY C 84 8.95 14.45 3.23
CA GLY C 84 9.73 13.97 2.12
C GLY C 84 10.61 15.06 1.56
N ILE C 85 11.17 14.80 0.39
CA ILE C 85 11.98 15.77 -0.29
C ILE C 85 11.25 16.29 -1.56
N TYR C 86 11.29 17.59 -1.73
CA TYR C 86 10.57 18.26 -2.83
C TYR C 86 11.58 18.82 -3.84
N TYR C 87 11.35 18.50 -5.11
CA TYR C 87 12.18 18.96 -6.21
C TYR C 87 11.39 19.80 -7.24
N CYS C 88 11.99 20.91 -7.63
CA CYS C 88 11.50 21.62 -8.79
C CYS C 88 12.26 21.23 -10.01
N LEU C 89 11.64 21.42 -11.18
CA LEU C 89 12.24 21.15 -12.49
C LEU C 89 11.77 22.20 -13.45
N GLN C 90 12.70 22.77 -14.22
CA GLN C 90 12.34 23.64 -15.31
C GLN C 90 12.45 22.89 -16.60
N TYR C 91 11.51 23.18 -17.50
CA TYR C 91 11.45 22.67 -18.87
C TYR C 91 11.27 23.78 -19.93
N ASP C 92 11.84 24.95 -19.66
CA ASP C 92 11.88 26.05 -20.60
C ASP C 92 12.98 25.85 -21.68
N GLU C 93 14.15 25.35 -21.30
CA GLU C 93 15.23 25.10 -22.22
C GLU C 93 15.91 23.74 -21.94
N PHE C 94 16.43 23.09 -22.97
CA PHE C 94 17.29 21.92 -22.76
C PHE C 94 18.61 22.42 -22.25
N PRO C 95 19.31 21.68 -21.40
CA PRO C 95 18.80 20.50 -20.73
C PRO C 95 17.82 20.89 -19.63
N TYR C 96 16.76 20.12 -19.45
CA TYR C 96 15.91 20.32 -18.27
C TYR C 96 16.74 20.10 -17.02
N THR C 97 16.37 20.81 -15.95
CA THR C 97 17.18 20.85 -14.76
C THR C 97 16.40 20.92 -13.48
N PHE C 98 16.93 20.26 -12.44
CA PHE C 98 16.26 20.16 -11.16
C PHE C 98 16.92 21.04 -10.15
N GLY C 99 16.15 21.55 -9.20
CA GLY C 99 16.74 22.14 -8.00
C GLY C 99 17.41 21.07 -7.16
N GLY C 100 18.09 21.51 -6.12
CA GLY C 100 18.79 20.63 -5.22
C GLY C 100 17.90 19.98 -4.19
N GLY C 101 16.62 20.34 -4.17
CA GLY C 101 15.66 19.72 -3.29
C GLY C 101 15.51 20.45 -1.94
N THR C 102 14.32 20.28 -1.36
CA THR C 102 13.98 20.77 -0.03
C THR C 102 13.40 19.60 0.78
N LYS C 103 14.04 19.29 1.90
CA LYS C 103 13.61 18.25 2.82
C LYS C 103 12.63 18.81 3.84
N LEU C 104 11.49 18.16 3.96
CA LEU C 104 10.46 18.55 4.88
C LEU C 104 10.23 17.45 5.89
N GLU C 105 10.44 17.77 7.17
CA GLU C 105 10.34 16.84 8.27
C GLU C 105 9.37 17.30 9.33
N LEU C 106 8.85 16.36 10.11
CA LEU C 106 7.84 16.63 11.07
C LEU C 106 8.41 17.02 12.45
N LYS C 107 7.84 18.08 13.05
CA LYS C 107 8.05 18.35 14.48
C LYS C 107 7.35 17.39 15.38
N ARG C 108 7.99 17.15 16.51
CA ARG C 108 7.38 16.40 17.57
C ARG C 108 8.03 16.74 18.89
N ALA C 109 7.48 16.21 19.96
CA ALA C 109 8.05 16.41 21.29
C ALA C 109 9.46 15.81 21.36
N ASP C 110 10.29 16.41 22.20
CA ASP C 110 11.56 15.84 22.62
C ASP C 110 11.44 14.42 23.17
N ALA C 111 12.50 13.63 22.88
CA ALA C 111 12.59 12.24 23.32
C ALA C 111 14.04 11.80 23.45
N ALA C 112 14.37 11.24 24.60
CA ALA C 112 15.73 10.81 24.92
C ALA C 112 15.99 9.51 24.19
N PRO C 113 17.23 9.26 23.83
CA PRO C 113 17.52 7.97 23.23
C PRO C 113 17.56 6.82 24.26
N THR C 114 17.19 5.63 23.82
CA THR C 114 17.41 4.40 24.56
C THR C 114 18.70 3.90 23.98
N VAL C 115 19.73 3.85 24.81
CA VAL C 115 21.10 3.49 24.42
C VAL C 115 21.38 2.05 24.88
N SER C 116 21.87 1.20 23.95
CA SER C 116 22.38 -0.16 24.30
C SER C 116 23.76 -0.38 23.71
N ILE C 117 24.66 -1.02 24.47
CA ILE C 117 25.99 -1.38 24.03
C ILE C 117 26.09 -2.91 23.89
N PHE C 118 26.79 -3.40 22.88
CA PHE C 118 27.01 -4.83 22.61
C PHE C 118 28.47 -5.16 22.35
N PRO C 119 29.04 -6.10 23.11
CA PRO C 119 30.37 -6.58 22.86
C PRO C 119 30.39 -7.29 21.53
N PRO C 120 31.57 -7.50 21.02
CA PRO C 120 31.72 -8.33 19.84
C PRO C 120 31.25 -9.73 20.05
N SER C 121 30.65 -10.34 19.03
CA SER C 121 30.25 -11.75 19.15
C SER C 121 31.48 -12.58 19.19
N SER C 122 31.40 -13.69 19.90
CA SER C 122 32.48 -14.66 19.85
C SER C 122 32.67 -15.14 18.42
N GLU C 123 31.64 -15.20 17.59
CA GLU C 123 31.87 -15.60 16.20
C GLU C 123 32.80 -14.67 15.47
N GLN C 124 32.63 -13.38 15.65
CA GLN C 124 33.53 -12.36 15.02
C GLN C 124 34.98 -12.48 15.54
N LEU C 125 35.16 -12.72 16.82
CA LEU C 125 36.51 -12.93 17.37
C LEU C 125 37.21 -14.13 16.71
N THR C 126 36.48 -15.17 16.31
CA THR C 126 37.10 -16.28 15.59
C THR C 126 37.66 -15.84 14.26
N SER C 127 37.18 -14.77 13.66
CA SER C 127 37.77 -14.28 12.39
C SER C 127 38.86 -13.25 12.61
N GLY C 128 39.15 -12.92 13.87
CA GLY C 128 40.14 -11.87 14.24
C GLY C 128 39.71 -10.41 14.30
N GLY C 129 38.42 -10.15 14.24
CA GLY C 129 37.89 -8.77 14.25
C GLY C 129 37.14 -8.60 15.55
N ALA C 130 36.92 -7.35 15.96
CA ALA C 130 36.05 -7.06 17.11
C ALA C 130 35.33 -5.72 16.98
N SER C 131 34.03 -5.76 16.72
CA SER C 131 33.20 -4.60 16.53
C SER C 131 32.38 -4.46 17.79
N VAL C 132 32.35 -3.27 18.36
CA VAL C 132 31.53 -2.95 19.52
C VAL C 132 30.43 -2.09 19.01
N VAL C 133 29.18 -2.43 19.33
CA VAL C 133 28.04 -1.73 18.72
C VAL C 133 27.25 -0.98 19.80
N CYS C 134 26.79 0.20 19.43
CA CYS C 134 25.98 1.03 20.33
C CYS C 134 24.75 1.50 19.55
N PHE C 135 23.57 1.20 20.06
CA PHE C 135 22.33 1.64 19.40
C PHE C 135 21.77 2.78 20.24
N LEU C 136 21.41 3.88 19.56
CA LEU C 136 20.74 5.02 20.14
C LEU C 136 19.42 5.20 19.45
N ASN C 137 18.35 4.68 20.06
CA ASN C 137 17.09 4.56 19.42
C ASN C 137 16.00 5.53 19.96
N ASN C 138 15.16 5.93 19.00
CA ASN C 138 13.92 6.68 19.22
C ASN C 138 14.12 7.96 19.97
N PHE C 139 14.97 8.81 19.40
CA PHE C 139 15.25 10.12 19.99
C PHE C 139 14.74 11.24 19.07
N TYR C 140 14.52 12.42 19.65
CA TYR C 140 14.15 13.60 18.89
C TYR C 140 14.63 14.85 19.66
N PRO C 141 15.31 15.81 19.01
CA PRO C 141 15.57 15.90 17.57
C PRO C 141 16.76 15.11 17.13
N LYS C 142 17.06 15.17 15.85
CA LYS C 142 18.00 14.26 15.25
C LYS C 142 19.46 14.43 15.66
N ASP C 143 19.83 15.62 16.14
CA ASP C 143 21.24 15.93 16.38
C ASP C 143 21.70 15.24 17.63
N ILE C 144 22.76 14.44 17.46
CA ILE C 144 23.25 13.64 18.55
C ILE C 144 24.74 13.40 18.43
N ASN C 145 25.39 13.27 19.57
CA ASN C 145 26.79 13.01 19.62
C ASN C 145 27.13 11.74 20.40
N VAL C 146 27.90 10.86 19.72
CA VAL C 146 28.43 9.64 20.32
C VAL C 146 29.92 9.77 20.49
N LYS C 147 30.38 9.40 21.68
CA LYS C 147 31.78 9.34 22.03
C LYS C 147 32.14 7.93 22.56
N TRP C 148 33.20 7.35 22.00
CA TRP C 148 33.66 6.01 22.41
C TRP C 148 34.85 6.11 23.32
N LYS C 149 34.90 5.28 24.34
CA LYS C 149 36.00 5.26 25.29
C LYS C 149 36.52 3.85 25.58
N ILE C 150 37.83 3.65 25.48
CA ILE C 150 38.51 2.40 25.83
C ILE C 150 39.33 2.69 27.06
N ASP C 151 39.01 2.02 28.17
CA ASP C 151 39.68 2.22 29.48
C ASP C 151 39.75 3.74 29.83
N GLY C 152 38.64 4.41 29.64
CA GLY C 152 38.45 5.76 30.08
C GLY C 152 39.04 6.79 29.14
N SER C 153 39.59 6.37 28.01
CA SER C 153 40.38 7.25 27.14
C SER C 153 39.69 7.28 25.79
N GLU C 154 39.43 8.47 25.27
CA GLU C 154 38.57 8.62 24.10
C GLU C 154 39.20 7.98 22.88
N ARG C 155 38.37 7.35 22.03
CA ARG C 155 38.84 6.73 20.80
C ARG C 155 38.05 7.23 19.63
N GLN C 156 38.73 7.53 18.51
CA GLN C 156 38.06 8.07 17.32
C GLN C 156 38.22 7.30 16.02
N ASN C 157 39.35 6.66 15.76
CA ASN C 157 39.45 5.88 14.52
C ASN C 157 38.80 4.51 14.73
N GLY C 158 38.32 3.91 13.63
CA GLY C 158 37.61 2.62 13.64
C GLY C 158 36.10 2.72 13.90
N VAL C 159 35.60 3.95 14.06
CA VAL C 159 34.17 4.28 14.39
C VAL C 159 33.40 4.63 13.13
N LEU C 160 32.25 3.99 12.95
CA LEU C 160 31.37 4.13 11.79
C LEU C 160 29.93 4.31 12.29
N ASN C 161 29.31 5.35 11.81
CA ASN C 161 27.98 5.78 12.26
C ASN C 161 26.97 5.72 11.15
N SER C 162 25.71 5.50 11.50
CA SER C 162 24.66 5.39 10.49
C SER C 162 23.39 5.90 11.12
N TRP C 163 22.70 6.77 10.42
CA TRP C 163 21.49 7.40 10.95
C TRP C 163 20.31 6.91 10.17
N THR C 164 19.17 6.74 10.82
CA THR C 164 17.92 6.50 10.10
C THR C 164 17.30 7.78 9.67
N ASP C 165 16.42 7.65 8.67
CA ASP C 165 15.51 8.72 8.31
C ASP C 165 14.43 8.75 9.42
N GLN C 166 13.63 9.81 9.40
CA GLN C 166 12.57 10.02 10.36
C GLN C 166 11.54 8.87 10.36
N ASP C 167 11.24 8.34 11.53
CA ASP C 167 10.37 7.20 11.63
C ASP C 167 8.96 7.55 11.18
N SER C 168 8.39 6.70 10.33
CA SER C 168 7.05 6.89 9.76
C SER C 168 5.90 6.67 10.79
N LYS C 169 6.19 6.17 11.98
CA LYS C 169 5.21 5.91 13.03
C LYS C 169 5.26 6.97 14.14
N ASP C 170 6.43 7.09 14.78
CA ASP C 170 6.56 7.99 15.91
C ASP C 170 7.39 9.25 15.62
N SER C 171 7.85 9.44 14.38
CA SER C 171 8.59 10.65 13.98
C SER C 171 9.95 10.90 14.67
N THR C 172 10.49 9.86 15.35
CA THR C 172 11.78 9.92 16.01
C THR C 172 12.89 9.45 15.04
N TYR C 173 14.13 9.56 15.51
CA TYR C 173 15.32 9.15 14.78
C TYR C 173 16.02 8.12 15.63
N SER C 174 16.78 7.27 14.92
CA SER C 174 17.67 6.27 15.55
C SER C 174 19.07 6.29 14.93
N MET C 175 20.03 5.75 15.68
CA MET C 175 21.38 5.77 15.24
C MET C 175 22.19 4.60 15.77
N SER C 176 23.10 4.13 14.90
CA SER C 176 23.98 3.04 15.16
C SER C 176 25.41 3.52 15.07
N SER C 177 26.18 3.28 16.12
CA SER C 177 27.63 3.53 16.08
C SER C 177 28.40 2.20 16.36
N THR C 178 29.30 1.86 15.42
CA THR C 178 30.15 0.69 15.51
C THR C 178 31.68 1.04 15.62
N LEU C 179 32.30 0.66 16.72
CA LEU C 179 33.71 0.81 16.86
C LEU C 179 34.35 -0.50 16.46
N THR C 180 35.07 -0.54 15.34
CA THR C 180 35.81 -1.74 14.94
C THR C 180 37.31 -1.70 15.28
N LEU C 181 37.76 -2.72 16.03
CA LEU C 181 39.14 -2.96 16.36
C LEU C 181 39.62 -4.29 15.84
N THR C 182 40.92 -4.52 15.99
CA THR C 182 41.46 -5.86 15.83
C THR C 182 41.20 -6.62 17.15
N LYS C 183 41.16 -7.94 17.02
CA LYS C 183 41.02 -8.76 18.21
C LYS C 183 42.11 -8.48 19.22
N ASP C 184 43.33 -8.37 18.72
CA ASP C 184 44.47 -8.01 19.55
C ASP C 184 44.18 -6.75 20.42
N GLU C 185 43.86 -5.62 19.82
CA GLU C 185 43.48 -4.39 20.56
C GLU C 185 42.41 -4.71 21.55
N TYR C 186 41.34 -5.42 21.07
CA TYR C 186 40.17 -5.62 21.90
C TYR C 186 40.52 -6.40 23.19
N GLU C 187 41.36 -7.43 23.05
CA GLU C 187 41.73 -8.30 24.18
C GLU C 187 42.67 -7.60 25.14
N ARG C 188 43.28 -6.48 24.76
CA ARG C 188 44.22 -5.82 25.69
C ARG C 188 43.59 -4.86 26.71
N HIS C 189 42.35 -4.49 26.48
CA HIS C 189 41.72 -3.54 27.34
C HIS C 189 40.50 -4.21 27.93
N ASN C 190 39.95 -3.56 28.93
CA ASN C 190 38.90 -4.13 29.69
C ASN C 190 37.53 -3.39 29.55
N SER C 191 37.59 -2.06 29.47
CA SER C 191 36.45 -1.22 29.65
C SER C 191 36.07 -0.51 28.36
N TYR C 192 34.87 -0.77 27.90
CA TYR C 192 34.37 -0.17 26.66
C TYR C 192 33.09 0.61 26.90
N THR C 193 33.06 1.85 26.45
CA THR C 193 31.99 2.77 26.80
C THR C 193 31.51 3.54 25.60
N CYS C 194 30.19 3.62 25.36
CA CYS C 194 29.68 4.69 24.48
C CYS C 194 28.84 5.68 25.29
N GLU C 195 29.11 6.95 25.00
CA GLU C 195 28.51 8.08 25.67
C GLU C 195 27.78 8.90 24.63
N ALA C 196 26.48 9.05 24.86
CA ALA C 196 25.63 9.85 24.00
C ALA C 196 25.26 11.13 24.71
N THR C 197 25.48 12.26 24.04
CA THR C 197 24.98 13.53 24.54
C THR C 197 23.93 14.03 23.56
N HIS C 198 22.76 14.32 24.12
CA HIS C 198 21.58 14.72 23.40
C HIS C 198 20.96 15.94 24.12
N LYS C 199 20.16 16.73 23.42
CA LYS C 199 19.53 17.96 23.94
C LYS C 199 18.73 17.73 25.24
N THR C 200 18.10 16.58 25.31
CA THR C 200 17.30 16.20 26.48
C THR C 200 18.08 16.03 27.81
N SER C 201 19.39 15.87 27.76
CA SER C 201 20.17 15.86 28.99
C SER C 201 21.50 16.60 28.89
N THR C 202 21.80 17.31 29.95
CA THR C 202 23.08 17.97 30.08
C THR C 202 24.26 16.91 30.33
N SER C 203 23.90 15.85 31.04
CA SER C 203 24.86 14.79 31.33
C SER C 203 24.71 13.74 30.24
N PRO C 204 25.83 13.32 29.61
CA PRO C 204 25.72 12.23 28.65
C PRO C 204 25.17 10.96 29.27
N ILE C 205 24.40 10.22 28.48
CA ILE C 205 23.95 8.90 28.85
C ILE C 205 25.11 7.97 28.53
N VAL C 206 25.52 7.16 29.51
CA VAL C 206 26.66 6.31 29.44
C VAL C 206 26.28 4.84 29.47
N LYS C 207 26.79 4.08 28.52
CA LYS C 207 26.63 2.63 28.56
C LYS C 207 27.99 1.98 28.38
N SER C 208 28.26 0.97 29.19
CA SER C 208 29.52 0.28 29.07
C SER C 208 29.49 -1.13 29.59
N PHE C 209 30.50 -1.89 29.20
CA PHE C 209 30.71 -3.22 29.72
C PHE C 209 32.19 -3.43 29.97
N ASN C 210 32.48 -4.49 30.72
CA ASN C 210 33.85 -4.87 30.99
C ASN C 210 34.06 -6.22 30.34
N ARG C 211 35.15 -6.35 29.58
CA ARG C 211 35.42 -7.55 28.79
C ARG C 211 35.57 -8.79 29.67
N ASN C 212 36.22 -8.62 30.82
CA ASN C 212 36.47 -9.74 31.78
C ASN C 212 35.18 -10.52 32.27
N GLU C 213 34.02 -9.90 32.11
CA GLU C 213 32.70 -10.41 32.49
C GLU C 213 31.79 -10.47 31.24
N CYS C 214 32.31 -11.21 30.25
CA CYS C 214 31.76 -11.49 28.88
C CYS C 214 30.57 -10.68 28.34
N GLU D 1 1.31 3.35 -6.18
CA GLU D 1 1.15 4.47 -7.18
C GLU D 1 2.48 4.75 -7.97
N VAL D 2 3.22 3.66 -8.29
CA VAL D 2 4.25 3.64 -9.38
C VAL D 2 3.60 2.90 -10.59
N LYS D 3 3.63 3.48 -11.78
CA LYS D 3 2.87 2.93 -12.93
C LYS D 3 3.73 2.31 -14.09
N LEU D 4 5.05 2.54 -14.11
CA LEU D 4 5.91 1.99 -15.17
C LEU D 4 6.79 0.95 -14.50
N HIS D 5 7.26 -0.03 -15.26
CA HIS D 5 8.05 -1.11 -14.70
C HIS D 5 9.44 -1.20 -15.33
N GLN D 6 10.48 -1.03 -14.51
CA GLN D 6 11.90 -1.07 -14.90
C GLN D 6 12.59 -2.43 -14.64
N SER D 7 13.72 -2.64 -15.31
CA SER D 7 14.50 -3.85 -15.16
C SER D 7 15.27 -3.77 -13.85
N GLY D 8 15.85 -4.92 -13.44
CA GLY D 8 16.49 -5.08 -12.15
C GLY D 8 17.84 -4.44 -11.91
N ALA D 9 18.23 -4.40 -10.63
CA ALA D 9 19.53 -3.87 -10.21
C ALA D 9 20.74 -4.50 -10.97
N GLU D 10 21.84 -3.78 -11.10
CA GLU D 10 22.96 -4.23 -11.91
C GLU D 10 24.25 -3.83 -11.23
N LEU D 11 25.21 -4.75 -11.21
CA LEU D 11 26.61 -4.49 -10.82
C LEU D 11 27.43 -4.74 -12.08
N VAL D 12 28.29 -3.80 -12.46
CA VAL D 12 29.10 -3.92 -13.60
C VAL D 12 30.47 -3.30 -13.34
N ASN D 13 31.47 -3.85 -14.03
CA ASN D 13 32.79 -3.27 -14.05
C ASN D 13 32.90 -1.91 -14.73
N PRO D 14 33.84 -1.08 -14.23
CA PRO D 14 34.16 0.17 -14.92
C PRO D 14 34.59 -0.06 -16.35
N GLY D 15 34.08 0.78 -17.24
CA GLY D 15 34.40 0.74 -18.68
C GLY D 15 33.33 0.05 -19.50
N ALA D 16 32.50 -0.77 -18.83
CA ALA D 16 31.47 -1.55 -19.48
C ALA D 16 30.19 -0.70 -19.65
N SER D 17 29.11 -1.36 -20.12
CA SER D 17 27.85 -0.76 -20.38
C SER D 17 26.70 -1.53 -19.74
N VAL D 18 25.56 -0.85 -19.51
CA VAL D 18 24.27 -1.47 -19.15
C VAL D 18 23.17 -0.98 -20.03
N LYS D 19 22.11 -1.77 -20.10
CA LYS D 19 20.92 -1.46 -20.86
C LYS D 19 19.77 -1.67 -19.93
N ILE D 20 19.07 -0.59 -19.56
CA ILE D 20 17.94 -0.63 -18.62
C ILE D 20 16.64 -0.53 -19.40
N SER D 21 15.68 -1.39 -19.11
CA SER D 21 14.37 -1.28 -19.75
C SER D 21 13.37 -0.49 -18.87
N CYS D 22 12.34 0.05 -19.52
CA CYS D 22 11.24 0.75 -18.86
C CYS D 22 9.97 0.37 -19.63
N LYS D 23 9.06 -0.36 -19.00
CA LYS D 23 7.86 -0.90 -19.69
C LYS D 23 6.66 -0.04 -19.35
N ALA D 24 5.92 0.39 -20.38
CA ALA D 24 4.85 1.36 -20.18
C ALA D 24 3.55 0.80 -20.78
N PRO D 25 2.73 0.15 -19.94
CA PRO D 25 1.78 -0.80 -20.46
C PRO D 25 0.36 -0.20 -20.63
N GLY D 26 0.25 0.94 -21.31
CA GLY D 26 -1.02 1.32 -21.98
C GLY D 26 -0.68 1.54 -23.44
N TYR D 27 -1.61 1.32 -24.37
CA TYR D 27 -1.40 1.77 -25.75
C TYR D 27 -1.55 3.28 -25.66
N THR D 28 -1.21 3.96 -26.75
CA THR D 28 -0.81 5.37 -26.72
C THR D 28 0.67 5.51 -26.32
N PHE D 29 1.48 4.45 -26.44
CA PHE D 29 2.92 4.52 -26.12
C PHE D 29 3.63 5.59 -26.98
N ASN D 30 3.16 5.74 -28.22
CA ASN D 30 3.69 6.70 -29.20
C ASN D 30 3.23 8.18 -28.99
N ASN D 31 2.32 8.39 -28.05
CA ASN D 31 1.79 9.70 -27.72
C ASN D 31 2.53 10.46 -26.61
N TYR D 32 3.44 9.78 -25.90
CA TYR D 32 4.07 10.36 -24.68
C TYR D 32 5.57 10.30 -24.79
N TRP D 33 6.22 11.40 -24.45
CA TRP D 33 7.64 11.41 -24.25
C TRP D 33 7.99 10.67 -22.96
N ILE D 34 9.10 9.91 -23.02
CA ILE D 34 9.63 9.20 -21.85
C ILE D 34 10.88 9.92 -21.41
N GLU D 35 10.94 10.35 -20.15
CA GLU D 35 12.10 11.08 -19.60
C GLU D 35 12.99 10.10 -18.85
N TRP D 36 14.30 10.32 -18.83
CA TRP D 36 15.20 9.46 -18.07
C TRP D 36 15.95 10.34 -17.09
N VAL D 37 15.99 9.91 -15.85
CA VAL D 37 16.49 10.70 -14.72
C VAL D 37 17.53 9.92 -13.92
N LYS D 38 18.56 10.61 -13.42
CA LYS D 38 19.60 10.00 -12.62
C LYS D 38 19.56 10.55 -11.22
N GLN D 39 19.67 9.66 -10.25
CA GLN D 39 19.84 10.03 -8.84
C GLN D 39 21.00 9.31 -8.10
N ARG D 40 22.06 10.04 -7.79
CA ARG D 40 23.09 9.56 -6.90
C ARG D 40 22.76 10.06 -5.52
N PRO D 41 23.10 9.29 -4.45
CA PRO D 41 23.14 9.90 -3.08
C PRO D 41 23.96 11.22 -3.05
N GLY D 42 23.45 12.22 -2.32
CA GLY D 42 23.95 13.60 -2.46
C GLY D 42 23.28 14.12 -3.71
N HIS D 43 23.86 15.11 -4.39
CA HIS D 43 23.56 15.35 -5.85
C HIS D 43 22.10 15.50 -6.43
N GLY D 44 21.06 15.05 -5.69
CA GLY D 44 19.67 15.18 -6.08
C GLY D 44 19.35 14.45 -7.35
N LEU D 45 18.28 14.88 -7.97
CA LEU D 45 17.87 14.39 -9.28
C LEU D 45 18.54 15.13 -10.41
N GLU D 46 18.69 14.44 -11.51
CA GLU D 46 19.37 14.95 -12.64
C GLU D 46 18.77 14.45 -13.97
N TRP D 47 18.60 15.33 -14.95
CA TRP D 47 17.92 14.99 -16.18
C TRP D 47 18.89 14.46 -17.20
N ILE D 48 18.59 13.30 -17.76
CA ILE D 48 19.43 12.69 -18.73
C ILE D 48 19.00 13.01 -20.17
N GLY D 49 17.71 12.90 -20.42
CA GLY D 49 17.15 13.05 -21.78
C GLY D 49 15.72 12.55 -21.89
N GLU D 50 15.17 12.56 -23.09
CA GLU D 50 13.88 11.99 -23.36
C GLU D 50 13.81 11.42 -24.73
N ILE D 51 12.83 10.57 -24.92
CA ILE D 51 12.57 9.99 -26.23
C ILE D 51 11.07 9.95 -26.44
N LEU D 52 10.64 10.15 -27.69
CA LEU D 52 9.22 10.03 -28.05
C LEU D 52 9.19 8.79 -28.91
N PRO D 53 8.69 7.69 -28.36
CA PRO D 53 8.76 6.43 -29.09
C PRO D 53 8.04 6.52 -30.44
N GLY D 54 8.70 6.03 -31.51
CA GLY D 54 8.06 5.81 -32.79
C GLY D 54 8.01 7.01 -33.69
N SER D 55 8.48 8.16 -33.21
CA SER D 55 8.60 9.40 -34.01
C SER D 55 10.01 9.68 -34.58
N GLY D 56 11.03 8.95 -34.16
CA GLY D 56 12.42 9.33 -34.43
C GLY D 56 12.93 10.56 -33.70
N ARG D 57 12.25 11.00 -32.62
CA ARG D 57 12.67 12.20 -31.89
C ARG D 57 13.20 11.91 -30.49
N ILE D 58 14.32 12.54 -30.21
CA ILE D 58 15.09 12.30 -29.01
C ILE D 58 15.82 13.58 -28.57
N ASN D 59 15.77 13.93 -27.31
CA ASN D 59 16.66 15.00 -26.81
C ASN D 59 17.58 14.47 -25.68
N TYR D 60 18.90 14.65 -25.83
CA TYR D 60 19.90 14.29 -24.80
C TYR D 60 20.33 15.55 -24.07
N ASN D 61 20.49 15.45 -22.77
CA ASN D 61 21.26 16.45 -22.06
C ASN D 61 22.65 16.37 -22.64
N GLU D 62 23.25 17.52 -22.94
CA GLU D 62 24.59 17.56 -23.55
C GLU D 62 25.63 16.71 -22.79
N LYS D 63 25.59 16.87 -21.47
CA LYS D 63 26.48 16.17 -20.57
C LYS D 63 26.45 14.61 -20.69
N PHE D 64 25.35 14.03 -21.17
CA PHE D 64 25.22 12.55 -21.28
C PHE D 64 25.16 12.10 -22.73
N LYS D 65 25.48 12.97 -23.69
CA LYS D 65 25.24 12.69 -25.10
C LYS D 65 25.98 11.41 -25.55
N ASP D 66 27.22 11.29 -25.08
CA ASP D 66 28.08 10.18 -25.40
C ASP D 66 27.98 8.97 -24.45
N LYS D 67 27.26 9.16 -23.35
CA LYS D 67 27.11 8.14 -22.40
C LYS D 67 25.79 7.37 -22.62
N ALA D 68 24.69 8.08 -22.83
CA ALA D 68 23.33 7.46 -23.01
C ALA D 68 22.95 7.18 -24.44
N THR D 69 22.25 6.08 -24.66
CA THR D 69 21.59 5.79 -25.95
C THR D 69 20.15 5.32 -25.66
N PHE D 70 19.17 6.04 -26.22
CA PHE D 70 17.76 5.77 -26.03
C PHE D 70 17.18 5.12 -27.24
N THR D 71 16.44 4.04 -27.00
CA THR D 71 15.68 3.40 -28.03
C THR D 71 14.37 3.05 -27.44
N ALA D 72 13.46 2.74 -28.33
CA ALA D 72 12.21 2.18 -27.90
C ALA D 72 11.75 1.16 -28.88
N ASP D 73 11.02 0.18 -28.37
CA ASP D 73 10.32 -0.77 -29.18
C ASP D 73 8.80 -0.65 -28.97
N THR D 74 8.13 -0.23 -30.02
CA THR D 74 6.72 0.12 -29.91
C THR D 74 5.78 -1.08 -29.80
N SER D 75 6.10 -2.19 -30.44
CA SER D 75 5.26 -3.36 -30.31
C SER D 75 5.23 -3.90 -28.87
N SER D 76 6.29 -3.71 -28.09
CA SER D 76 6.28 -4.16 -26.69
C SER D 76 6.12 -3.07 -25.66
N ASN D 77 5.83 -1.85 -26.10
CA ASN D 77 5.69 -0.71 -25.16
C ASN D 77 6.85 -0.56 -24.15
N THR D 78 8.08 -0.72 -24.63
CA THR D 78 9.26 -0.72 -23.78
C THR D 78 10.33 0.27 -24.28
N ALA D 79 10.86 1.08 -23.37
CA ALA D 79 11.94 2.01 -23.68
C ALA D 79 13.18 1.55 -23.03
N TYR D 80 14.33 1.80 -23.65
CA TYR D 80 15.60 1.37 -23.15
C TYR D 80 16.55 2.53 -23.05
N MET D 81 17.43 2.48 -22.07
CA MET D 81 18.52 3.38 -22.04
C MET D 81 19.81 2.60 -21.83
N GLN D 82 20.69 2.62 -22.81
CA GLN D 82 22.02 2.09 -22.64
C GLN D 82 22.97 3.15 -22.11
N LEU D 83 23.76 2.79 -21.10
CA LEU D 83 24.78 3.67 -20.57
C LEU D 83 26.15 3.00 -20.77
N SER D 84 27.15 3.76 -21.23
CA SER D 84 28.40 3.24 -21.72
C SER D 84 29.62 3.83 -21.00
N SER D 85 30.78 3.14 -21.16
CA SER D 85 32.06 3.52 -20.55
C SER D 85 31.86 3.94 -19.10
N LEU D 86 31.27 3.05 -18.33
CA LEU D 86 30.86 3.43 -17.00
C LEU D 86 32.07 3.66 -16.08
N THR D 87 31.91 4.60 -15.16
CA THR D 87 32.83 4.94 -14.09
C THR D 87 31.98 5.04 -12.83
N SER D 88 32.60 5.35 -11.70
CA SER D 88 31.82 5.30 -10.48
C SER D 88 30.96 6.52 -10.31
N ASP D 89 31.15 7.57 -11.10
CA ASP D 89 30.18 8.66 -11.11
C ASP D 89 28.85 8.17 -11.72
N ASP D 90 28.85 7.07 -12.47
CA ASP D 90 27.60 6.49 -13.01
C ASP D 90 26.84 5.57 -12.05
N SER D 91 27.37 5.36 -10.84
CA SER D 91 26.68 4.52 -9.86
C SER D 91 25.56 5.41 -9.35
N ALA D 92 24.31 4.96 -9.53
CA ALA D 92 23.14 5.76 -9.16
C ALA D 92 21.91 4.94 -9.33
N VAL D 93 20.78 5.48 -8.90
CA VAL D 93 19.43 5.00 -9.29
C VAL D 93 18.94 5.77 -10.53
N TYR D 94 18.41 5.04 -11.49
CA TYR D 94 17.91 5.59 -12.75
C TYR D 94 16.41 5.37 -12.80
N TYR D 95 15.64 6.41 -13.18
CA TYR D 95 14.21 6.36 -13.34
C TYR D 95 13.83 6.69 -14.77
N CYS D 96 12.70 6.15 -15.20
CA CYS D 96 12.02 6.61 -16.38
C CYS D 96 10.69 7.19 -15.88
N ALA D 97 10.11 8.08 -16.68
CA ALA D 97 8.86 8.70 -16.33
C ALA D 97 8.18 9.17 -17.56
N LYS D 98 6.86 9.09 -17.63
CA LYS D 98 6.11 9.82 -18.71
C LYS D 98 6.17 11.30 -18.48
N LYS D 99 6.27 12.06 -19.56
CA LYS D 99 6.14 13.55 -19.55
C LYS D 99 4.63 13.94 -19.54
N TYR D 100 3.99 13.63 -18.42
CA TYR D 100 2.58 13.78 -18.24
C TYR D 100 2.20 13.12 -16.96
N GLY D 101 1.36 13.83 -16.22
CA GLY D 101 0.81 13.35 -14.96
C GLY D 101 1.79 12.75 -14.00
N ASP D 102 1.33 11.69 -13.30
CA ASP D 102 2.17 11.07 -12.30
C ASP D 102 2.54 9.59 -12.66
N TYR D 103 3.50 9.42 -13.55
CA TYR D 103 3.84 8.10 -14.09
C TYR D 103 5.32 7.82 -14.09
N TRP D 104 5.78 7.21 -13.00
CA TRP D 104 7.20 7.00 -12.78
C TRP D 104 7.46 5.50 -12.63
N GLY D 105 8.63 5.03 -13.08
CA GLY D 105 9.12 3.69 -12.77
C GLY D 105 9.57 3.55 -11.31
N GLN D 106 9.78 2.32 -10.84
CA GLN D 106 10.30 2.06 -9.48
C GLN D 106 11.80 2.38 -9.37
N GLY D 107 12.49 2.59 -10.49
CA GLY D 107 13.92 2.83 -10.48
C GLY D 107 14.75 1.59 -10.61
N THR D 108 16.00 1.77 -11.03
CA THR D 108 16.93 0.73 -11.32
C THR D 108 18.24 1.16 -10.69
N THR D 109 18.76 0.35 -9.74
CA THR D 109 20.05 0.63 -9.14
C THR D 109 21.22 0.11 -10.00
N VAL D 110 22.25 0.93 -10.19
CA VAL D 110 23.42 0.57 -10.99
C VAL D 110 24.63 0.85 -10.15
N THR D 111 25.44 -0.20 -9.97
CA THR D 111 26.66 -0.10 -9.20
C THR D 111 27.80 -0.38 -10.17
N VAL D 112 28.68 0.60 -10.31
CA VAL D 112 29.91 0.53 -11.12
C VAL D 112 31.10 0.37 -10.19
N SER D 113 31.70 -0.80 -10.17
CA SER D 113 32.86 -1.08 -9.24
C SER D 113 33.46 -2.37 -9.69
N SER D 114 34.77 -2.47 -9.52
CA SER D 114 35.35 -3.77 -9.80
C SER D 114 35.57 -4.55 -8.53
N ALA D 115 35.08 -4.05 -7.38
CA ALA D 115 34.97 -4.89 -6.19
C ALA D 115 34.11 -6.12 -6.49
N LYS D 116 34.42 -7.23 -5.81
CA LYS D 116 33.86 -8.52 -6.12
C LYS D 116 32.65 -8.74 -5.25
N THR D 117 31.68 -9.49 -5.75
CA THR D 117 30.53 -9.91 -4.94
C THR D 117 30.99 -10.75 -3.75
N THR D 118 30.52 -10.38 -2.56
CA THR D 118 31.00 -10.91 -1.29
C THR D 118 29.77 -11.07 -0.38
N PRO D 119 29.53 -12.28 0.12
CA PRO D 119 28.42 -12.47 1.01
C PRO D 119 28.76 -11.94 2.43
N PRO D 120 27.76 -11.59 3.21
CA PRO D 120 28.01 -10.97 4.52
C PRO D 120 28.32 -11.99 5.56
N SER D 121 28.94 -11.59 6.63
CA SER D 121 29.00 -12.35 7.82
C SER D 121 27.95 -11.75 8.70
N VAL D 122 27.26 -12.61 9.43
CA VAL D 122 26.14 -12.17 10.26
C VAL D 122 26.48 -12.44 11.72
N TYR D 123 26.60 -11.37 12.52
CA TYR D 123 26.98 -11.55 13.91
C TYR D 123 25.90 -11.20 14.89
N PRO D 124 25.62 -12.10 15.87
CA PRO D 124 24.58 -11.83 16.86
C PRO D 124 25.04 -10.82 17.88
N LEU D 125 24.14 -9.91 18.28
CA LEU D 125 24.45 -8.92 19.26
C LEU D 125 23.50 -9.07 20.43
N ALA D 126 24.06 -9.70 21.48
CA ALA D 126 23.36 -10.01 22.69
C ALA D 126 23.93 -9.15 23.80
N PRO D 127 23.12 -8.81 24.80
CA PRO D 127 23.57 -8.03 25.92
C PRO D 127 24.75 -8.63 26.65
N GLY D 128 25.65 -7.73 27.06
CA GLY D 128 26.78 -8.01 27.98
C GLY D 128 26.70 -9.05 29.09
N SER D 129 26.24 -8.68 30.30
CA SER D 129 25.78 -9.68 31.31
C SER D 129 24.27 -9.62 31.16
N ALA D 130 23.52 -10.42 31.96
CA ALA D 130 22.08 -10.15 32.18
C ALA D 130 21.94 -8.79 32.92
N ALA D 131 22.34 -7.71 32.23
CA ALA D 131 22.66 -6.40 32.84
C ALA D 131 21.36 -5.59 32.94
N GLN D 132 20.85 -5.38 34.17
CA GLN D 132 19.41 -5.04 34.48
C GLN D 132 18.40 -5.17 33.29
N THR D 133 17.53 -6.19 33.32
CA THR D 133 16.62 -6.49 32.18
C THR D 133 15.66 -5.34 31.83
N ASN D 134 15.11 -4.62 32.81
CA ASN D 134 14.56 -3.25 32.61
C ASN D 134 13.17 -3.15 31.89
N SER D 135 12.39 -4.25 31.87
CA SER D 135 11.08 -4.35 31.17
C SER D 135 11.19 -4.64 29.65
N MET D 136 12.17 -4.07 28.98
CA MET D 136 12.39 -4.34 27.58
C MET D 136 13.88 -4.55 27.38
N VAL D 137 14.21 -5.41 26.43
CA VAL D 137 15.60 -5.75 26.10
C VAL D 137 15.80 -5.49 24.61
N THR D 138 16.96 -4.92 24.26
CA THR D 138 17.31 -4.70 22.84
C THR D 138 18.35 -5.74 22.41
N LEU D 139 18.15 -6.30 21.23
CA LEU D 139 19.06 -7.23 20.58
C LEU D 139 19.40 -6.71 19.20
N GLY D 140 20.45 -7.33 18.62
CA GLY D 140 20.89 -6.92 17.31
C GLY D 140 21.51 -7.99 16.47
N CYS D 141 21.66 -7.64 15.20
CA CYS D 141 22.47 -8.37 14.25
C CYS D 141 23.37 -7.37 13.57
N LEU D 142 24.65 -7.70 13.48
CA LEU D 142 25.62 -7.01 12.68
C LEU D 142 25.86 -7.73 11.40
N VAL D 143 25.71 -7.02 10.29
CA VAL D 143 25.80 -7.65 8.99
C VAL D 143 26.98 -7.00 8.27
N LYS D 144 28.10 -7.69 8.29
CA LYS D 144 29.38 -7.16 7.91
C LYS D 144 30.09 -7.82 6.72
N GLY D 145 30.64 -6.99 5.86
CA GLY D 145 31.59 -7.45 4.89
C GLY D 145 30.99 -7.90 3.57
N TYR D 146 29.89 -7.28 3.14
CA TYR D 146 29.20 -7.70 1.95
C TYR D 146 29.28 -6.71 0.81
N PHE D 147 29.07 -7.24 -0.40
CA PHE D 147 29.04 -6.39 -1.59
C PHE D 147 28.34 -7.11 -2.73
N PRO D 148 27.48 -6.46 -3.53
CA PRO D 148 27.03 -5.08 -3.38
C PRO D 148 25.81 -4.97 -2.42
N GLU D 149 25.25 -3.74 -2.33
CA GLU D 149 23.90 -3.56 -1.78
C GLU D 149 22.85 -4.27 -2.66
N PRO D 150 21.71 -4.67 -2.17
CA PRO D 150 21.33 -4.58 -0.76
C PRO D 150 21.35 -5.93 -0.08
N VAL D 151 21.28 -5.91 1.24
CA VAL D 151 20.74 -7.01 2.04
C VAL D 151 19.39 -6.62 2.58
N THR D 152 18.52 -7.55 2.88
CA THR D 152 17.34 -7.30 3.69
C THR D 152 17.46 -8.09 4.98
N VAL D 153 17.01 -7.50 6.08
CA VAL D 153 17.01 -8.16 7.39
C VAL D 153 15.58 -8.29 7.84
N THR D 154 15.19 -9.44 8.38
CA THR D 154 13.96 -9.53 9.16
C THR D 154 14.21 -10.14 10.52
N TRP D 155 13.22 -10.11 11.38
CA TRP D 155 13.30 -10.74 12.68
C TRP D 155 12.16 -11.71 12.90
N ASN D 156 12.51 -12.92 13.32
CA ASN D 156 11.59 -14.05 13.35
C ASN D 156 10.73 -14.15 12.12
N SER D 157 11.41 -14.16 10.98
CA SER D 157 10.78 -14.32 9.70
C SER D 157 9.72 -13.31 9.41
N GLY D 158 9.77 -12.11 9.97
CA GLY D 158 8.70 -11.14 9.76
C GLY D 158 7.81 -10.92 10.98
N SER D 159 7.77 -11.87 11.93
CA SER D 159 6.90 -11.77 13.12
C SER D 159 7.09 -10.58 14.04
N LEU D 160 8.29 -10.04 14.04
CA LEU D 160 8.65 -8.91 14.86
C LEU D 160 8.89 -7.75 13.89
N SER D 161 8.02 -6.77 13.92
CA SER D 161 8.18 -5.51 13.13
C SER D 161 8.20 -4.27 14.03
N SER D 162 7.49 -4.31 15.15
CA SER D 162 7.63 -3.26 16.14
C SER D 162 8.90 -3.45 16.91
N GLY D 163 9.58 -2.33 17.10
CA GLY D 163 10.80 -2.30 17.83
C GLY D 163 12.04 -2.51 16.98
N VAL D 164 11.89 -2.61 15.66
CA VAL D 164 12.96 -2.94 14.76
C VAL D 164 13.47 -1.68 14.09
N HIS D 165 14.79 -1.47 14.10
CA HIS D 165 15.45 -0.43 13.32
C HIS D 165 16.54 -1.09 12.50
N THR D 166 16.45 -1.05 11.18
CA THR D 166 17.53 -1.52 10.32
C THR D 166 18.24 -0.29 9.74
N PHE D 167 19.53 -0.16 10.00
CA PHE D 167 20.29 1.05 9.68
C PHE D 167 20.90 0.97 8.28
N PRO D 168 20.98 2.13 7.57
CA PRO D 168 21.67 2.21 6.30
C PRO D 168 23.08 1.67 6.34
N ALA D 169 23.47 0.95 5.28
CA ALA D 169 24.80 0.38 5.23
C ALA D 169 25.84 1.49 5.16
N VAL D 170 27.02 1.25 5.70
CA VAL D 170 28.20 2.09 5.41
C VAL D 170 29.26 1.32 4.63
N LEU D 171 29.94 2.04 3.76
CA LEU D 171 30.93 1.47 2.84
C LEU D 171 32.29 1.78 3.39
N GLN D 172 33.02 0.75 3.72
CA GLN D 172 34.33 0.85 4.38
C GLN D 172 35.23 -0.15 3.63
N SER D 173 36.37 0.36 3.17
CA SER D 173 37.25 -0.36 2.22
C SER D 173 36.44 -0.49 0.90
N ASP D 174 36.06 -1.70 0.51
CA ASP D 174 35.11 -1.88 -0.59
C ASP D 174 33.99 -2.83 -0.18
N LEU D 175 33.59 -2.73 1.09
CA LEU D 175 32.59 -3.59 1.67
C LEU D 175 31.59 -2.82 2.52
N TYR D 176 30.35 -3.33 2.54
CA TYR D 176 29.31 -2.75 3.35
C TYR D 176 29.19 -3.48 4.66
N THR D 177 28.84 -2.68 5.64
CA THR D 177 28.47 -3.13 6.93
C THR D 177 27.16 -2.42 7.32
N LEU D 178 26.26 -3.20 7.91
CA LEU D 178 24.96 -2.74 8.39
C LEU D 178 24.59 -3.38 9.69
N SER D 179 23.78 -2.75 10.46
CA SER D 179 23.29 -3.34 11.73
C SER D 179 21.78 -3.18 11.78
N SER D 180 21.11 -4.11 12.45
CA SER D 180 19.71 -4.06 12.79
C SER D 180 19.47 -4.33 14.28
N SER D 181 18.59 -3.54 14.90
CA SER D 181 18.21 -3.78 16.28
C SER D 181 16.77 -4.15 16.37
N VAL D 182 16.44 -4.83 17.44
CA VAL D 182 15.05 -5.12 17.77
C VAL D 182 14.87 -5.02 19.26
N THR D 183 13.75 -4.49 19.67
CA THR D 183 13.44 -4.35 21.07
C THR D 183 12.19 -5.18 21.36
N VAL D 184 12.29 -6.03 22.38
CA VAL D 184 11.25 -6.98 22.74
C VAL D 184 11.08 -6.99 24.26
N PRO D 185 9.91 -7.43 24.73
CA PRO D 185 9.74 -7.57 26.19
C PRO D 185 10.70 -8.53 26.82
N SER D 186 11.17 -8.22 28.03
CA SER D 186 12.07 -9.07 28.84
C SER D 186 11.53 -10.45 29.10
N SER D 187 10.22 -10.50 29.33
CA SER D 187 9.54 -11.75 29.51
C SER D 187 9.82 -12.65 28.30
N THR D 188 9.86 -12.08 27.10
CA THR D 188 10.03 -12.93 25.89
C THR D 188 11.46 -13.38 25.55
N TRP D 189 12.48 -12.76 26.12
CA TRP D 189 13.87 -13.18 25.80
C TRP D 189 14.72 -13.27 27.05
N PRO D 190 15.45 -14.37 27.25
CA PRO D 190 15.74 -15.44 26.25
C PRO D 190 14.83 -16.67 26.28
N SER D 191 13.71 -16.60 27.03
CA SER D 191 12.83 -17.74 27.20
C SER D 191 12.26 -18.15 25.84
N GLU D 192 11.90 -17.19 25.02
CA GLU D 192 11.66 -17.47 23.61
C GLU D 192 12.75 -16.97 22.69
N THR D 193 12.79 -17.55 21.50
CA THR D 193 13.91 -17.31 20.61
C THR D 193 13.67 -16.12 19.72
N VAL D 194 14.73 -15.40 19.47
CA VAL D 194 14.76 -14.28 18.56
C VAL D 194 15.85 -14.53 17.52
N THR D 195 15.47 -14.48 16.25
CA THR D 195 16.33 -14.88 15.17
C THR D 195 16.37 -13.77 14.09
N CYS D 196 17.56 -13.39 13.69
CA CYS D 196 17.62 -12.51 12.56
C CYS D 196 17.90 -13.22 11.26
N ASN D 197 17.20 -12.78 10.22
CA ASN D 197 17.21 -13.41 8.91
C ASN D 197 17.79 -12.43 7.97
N VAL D 198 18.85 -12.79 7.27
CA VAL D 198 19.49 -11.86 6.42
C VAL D 198 19.58 -12.44 5.06
N ALA D 199 19.21 -11.64 4.06
CA ALA D 199 19.21 -12.12 2.69
C ALA D 199 20.11 -11.21 1.89
N HIS D 200 20.99 -11.80 1.11
CA HIS D 200 21.86 -11.10 0.16
C HIS D 200 21.66 -11.67 -1.24
N PRO D 201 20.70 -11.11 -1.98
CA PRO D 201 20.35 -11.63 -3.29
C PRO D 201 21.53 -11.75 -4.22
N ALA D 202 22.41 -10.75 -4.30
CA ALA D 202 23.52 -10.80 -5.26
C ALA D 202 24.44 -12.03 -5.13
N SER D 203 24.57 -12.54 -3.92
CA SER D 203 25.40 -13.77 -3.68
C SER D 203 24.52 -15.01 -3.44
N SER D 204 23.20 -14.85 -3.61
CA SER D 204 22.24 -15.90 -3.40
C SER D 204 22.41 -16.62 -2.07
N THR D 205 22.53 -15.78 -1.05
CA THR D 205 22.86 -16.17 0.29
C THR D 205 21.76 -15.75 1.23
N LYS D 206 21.43 -16.61 2.16
CA LYS D 206 20.45 -16.30 3.18
C LYS D 206 21.02 -16.94 4.42
N VAL D 207 21.02 -16.17 5.51
CA VAL D 207 21.56 -16.60 6.80
C VAL D 207 20.59 -16.28 7.92
N ASP D 208 20.45 -17.25 8.81
CA ASP D 208 19.62 -17.14 9.99
C ASP D 208 20.52 -17.33 11.18
N LYS D 209 20.40 -16.38 12.09
CA LYS D 209 21.16 -16.29 13.33
C LYS D 209 20.33 -16.09 14.62
N LYS D 210 20.30 -17.12 15.43
CA LYS D 210 19.61 -17.03 16.69
C LYS D 210 20.43 -16.21 17.69
N ILE D 211 19.78 -15.29 18.37
CA ILE D 211 20.45 -14.50 19.36
C ILE D 211 20.41 -15.31 20.67
N VAL D 212 21.55 -15.77 21.17
CA VAL D 212 21.58 -16.48 22.43
C VAL D 212 22.35 -15.68 23.45
N PRO D 213 22.03 -15.86 24.74
CA PRO D 213 22.77 -15.15 25.76
C PRO D 213 24.21 -15.58 25.82
N ARG D 214 25.08 -14.64 26.14
CA ARG D 214 26.49 -14.94 26.34
C ARG D 214 26.85 -15.96 27.48
N ASP D 215 27.86 -16.79 27.22
CA ASP D 215 28.45 -17.76 28.19
C ASP D 215 29.74 -17.22 28.89
N CYS D 216 30.04 -17.77 30.10
CA CYS D 216 31.35 -17.63 30.90
C CYS D 216 31.12 -17.48 32.41
CAM 8SK E . -26.39 8.50 -22.14
CAN 8SK E . -27.71 8.94 -22.35
CAF 8SK E . -28.77 8.27 -21.73
CAC 8SK E . -28.52 7.14 -20.90
CAB 8SK E . -27.19 6.68 -20.69
CAE 8SK E . -26.14 7.37 -21.33
CAJ 8SK E . -24.81 6.93 -21.15
CAI 8SK E . -24.53 5.83 -20.34
CAS 8SK E . -23.18 5.45 -20.18
CAU 8SK E . -22.87 4.32 -19.40
CAT 8SK E . -23.92 3.61 -18.77
CAR 8SK E . -25.25 4.00 -18.90
CAH 8SK E . -25.58 5.11 -19.70
CAD 8SK E . -26.93 5.55 -19.88
CAK 8SK E . -28.01 4.88 -19.26
CAO 8SK E . -29.33 5.34 -19.45
CAG 8SK E . -29.58 6.47 -20.28
CAP 8SK E . -30.90 6.93 -20.49
CAQ 8SK E . -31.16 8.03 -21.31
CAL 8SK E . -30.11 8.70 -21.92
OAA 8SK E . -30.38 9.77 -22.71
CAM 8SK F . 8.06 18.42 -18.63
CAN 8SK F . 6.73 18.84 -18.84
CAF 8SK F . 5.68 18.18 -18.18
CAC 8SK F . 5.97 17.09 -17.31
CAB 8SK F . 7.29 16.66 -17.11
CAE 8SK F . 8.34 17.33 -17.79
CAJ 8SK F . 9.67 16.93 -17.59
CAI 8SK F . 9.98 15.84 -16.74
CAS 8SK F . 11.33 15.47 -16.56
CAU 8SK F . 11.65 14.39 -15.73
CAT 8SK F . 10.62 13.69 -15.06
CAR 8SK F . 9.27 14.05 -15.21
CAH 8SK F . 8.92 15.15 -16.05
CAD 8SK F . 7.56 15.56 -16.23
CAK 8SK F . 6.49 14.89 -15.58
CAO 8SK F . 5.18 15.31 -15.78
CAG 8SK F . 4.93 16.42 -16.65
CAP 8SK F . 3.61 16.85 -16.88
CAQ 8SK F . 3.30 17.93 -17.72
CAL 8SK F . 4.33 18.59 -18.38
OAA 8SK F . 4.01 19.62 -19.20
#